data_2GWA
# 
_entry.id   2GWA 
# 
_audit_conform.dict_name       mmcif_pdbx.dic 
_audit_conform.dict_version    5.377 
_audit_conform.dict_location   http://mmcif.pdb.org/dictionaries/ascii/mmcif_pdbx.dic 
# 
loop_
_database_2.database_id 
_database_2.database_code 
_database_2.pdbx_database_accession 
_database_2.pdbx_DOI 
PDB   2GWA         pdb_00002gwa 10.2210/pdb2gwa/pdb 
NDB   DD0083       ?            ?                   
RCSB  RCSB037626   ?            ?                   
WWPDB D_1000037626 ?            ?                   
# 
_pdbx_database_related.db_name        PDB 
_pdbx_database_related.db_id          2GB9 
_pdbx_database_related.details        'd(CGTACG)2 crosslinked bis-acridine complex.' 
_pdbx_database_related.content_type   unspecified 
# 
_pdbx_database_status.status_code                     REL 
_pdbx_database_status.entry_id                        2GWA 
_pdbx_database_status.recvd_initial_deposition_date   2006-05-04 
_pdbx_database_status.deposit_site                    RCSB 
_pdbx_database_status.process_site                    RCSB 
_pdbx_database_status.status_code_sf                  REL 
_pdbx_database_status.status_code_mr                  ? 
_pdbx_database_status.SG_entry                        ? 
_pdbx_database_status.pdb_format_compatible           Y 
_pdbx_database_status.status_code_cs                  ? 
_pdbx_database_status.methods_development_category    ? 
_pdbx_database_status.status_code_nmr_data            ? 
# 
loop_
_audit_author.name 
_audit_author.pdbx_ordinal 
'Brogden, A.L.'  1 
'Hopcroft, N.H.' 2 
'Cardin, C.J.'   3 
'Searcey, M.'    4 
# 
_citation.id                        primary 
_citation.title                     
'Ligand bridging of the DNA Holliday junction: molecular recognition of a stacked-X four-way junction by a small molecule.' 
_citation.journal_abbrev            Angew.Chem.Int.Ed.Engl. 
_citation.journal_volume            46 
_citation.page_first                3850 
_citation.page_last                 3854 
_citation.year                      2007 
_citation.journal_id_ASTM           ACIEAY 
_citation.country                   GE 
_citation.journal_id_ISSN           0570-0833 
_citation.journal_id_CSD            0179 
_citation.book_publisher            ? 
_citation.pdbx_database_id_PubMed   17477457 
_citation.pdbx_database_id_DOI      10.1002/anie.200603760 
# 
loop_
_citation_author.citation_id 
_citation_author.name 
_citation_author.ordinal 
_citation_author.identifier_ORCID 
primary 'Brogden, A.L.'  1 ? 
primary 'Hopcroft, N.H.' 2 ? 
primary 'Searcey, M.'    3 ? 
primary 'Cardin, C.J.'   4 ? 
# 
_cell.entry_id           2GWA 
_cell.length_a           65.224 
_cell.length_b           25.142 
_cell.length_c           37.541 
_cell.angle_alpha        90.00 
_cell.angle_beta         110.97 
_cell.angle_gamma        90.00 
_cell.Z_PDB              8 
_cell.pdbx_unique_axis   ? 
_cell.length_a_esd       ? 
_cell.length_b_esd       ? 
_cell.length_c_esd       ? 
_cell.angle_alpha_esd    ? 
_cell.angle_beta_esd     ? 
_cell.angle_gamma_esd    ? 
# 
_symmetry.entry_id                         2GWA 
_symmetry.space_group_name_H-M             'C 1 2 1' 
_symmetry.pdbx_full_space_group_name_H-M   ? 
_symmetry.cell_setting                     ? 
_symmetry.Int_Tables_number                5 
_symmetry.space_group_name_Hall            ? 
# 
loop_
_entity.id 
_entity.type 
_entity.src_method 
_entity.pdbx_description 
_entity.formula_weight 
_entity.pdbx_number_of_molecules 
_entity.pdbx_ec 
_entity.pdbx_mutation 
_entity.pdbx_fragment 
_entity.details 
1 polymer     syn "5'-D(*Tp*Cp*Gp*Gp*Tp*Ap*Cp*Cp*Gp*A)-3'"                                             3045.005 2   ? ? ? ? 
2 non-polymer syn "9,9'-(HEXANE-1,6-DIYLDIIMINO)BIS{N-[2-(DIMETHYLAMINO)ETHYL]ACRIDINE-4-CARBOXAMIDE}" 698.899  1   ? ? ? ? 
3 non-polymer syn SPERMINE                                                                             202.340  1   ? ? ? ? 
4 water       nat water                                                                                18.015   129 ? ? ? ? 
# 
_entity_poly.entity_id                      1 
_entity_poly.type                           polydeoxyribonucleotide 
_entity_poly.nstd_linkage                   no 
_entity_poly.nstd_monomer                   no 
_entity_poly.pdbx_seq_one_letter_code       '(DT)(DC)(DG)(DG)(DT)(DA)(DC)(DC)(DG)(DA)' 
_entity_poly.pdbx_seq_one_letter_code_can   TCGGTACCGA 
_entity_poly.pdbx_strand_id                 A,B 
_entity_poly.pdbx_target_identifier         ? 
# 
loop_
_entity_poly_seq.entity_id 
_entity_poly_seq.num 
_entity_poly_seq.mon_id 
_entity_poly_seq.hetero 
1 1  DT n 
1 2  DC n 
1 3  DG n 
1 4  DG n 
1 5  DT n 
1 6  DA n 
1 7  DC n 
1 8  DC n 
1 9  DG n 
1 10 DA n 
# 
_struct_ref.id                         1 
_struct_ref.entity_id                  1 
_struct_ref.db_name                    PDB 
_struct_ref.db_code                    2GWA 
_struct_ref.pdbx_db_accession          2GWA 
_struct_ref.pdbx_db_isoform            ? 
_struct_ref.pdbx_seq_one_letter_code   ? 
_struct_ref.pdbx_align_begin           ? 
# 
loop_
_struct_ref_seq.align_id 
_struct_ref_seq.ref_id 
_struct_ref_seq.pdbx_PDB_id_code 
_struct_ref_seq.pdbx_strand_id 
_struct_ref_seq.seq_align_beg 
_struct_ref_seq.pdbx_seq_align_beg_ins_code 
_struct_ref_seq.seq_align_end 
_struct_ref_seq.pdbx_seq_align_end_ins_code 
_struct_ref_seq.pdbx_db_accession 
_struct_ref_seq.db_align_beg 
_struct_ref_seq.pdbx_db_align_beg_ins_code 
_struct_ref_seq.db_align_end 
_struct_ref_seq.pdbx_db_align_end_ins_code 
_struct_ref_seq.pdbx_auth_seq_align_beg 
_struct_ref_seq.pdbx_auth_seq_align_end 
1 1 2GWA A 1 ? 10 ? 2GWA 1 ? 10 ? 1 10 
2 1 2GWA B 1 ? 10 ? 2GWA 1 ? 10 ? 1 10 
# 
loop_
_chem_comp.id 
_chem_comp.type 
_chem_comp.mon_nstd_flag 
_chem_comp.name 
_chem_comp.pdbx_synonyms 
_chem_comp.formula 
_chem_comp.formula_weight 
A4C non-polymer   . "9,9'-(HEXANE-1,6-DIYLDIIMINO)BIS{N-[2-(DIMETHYLAMINO)ETHYL]ACRIDINE-4-CARBOXAMIDE}" ? 'C42 H50 N8 O2'   
698.899 
DA  'DNA linking' y "2'-DEOXYADENOSINE-5'-MONOPHOSPHATE"                                                 ? 'C10 H14 N5 O6 P' 
331.222 
DC  'DNA linking' y "2'-DEOXYCYTIDINE-5'-MONOPHOSPHATE"                                                  ? 'C9 H14 N3 O7 P'  
307.197 
DG  'DNA linking' y "2'-DEOXYGUANOSINE-5'-MONOPHOSPHATE"                                                 ? 'C10 H14 N5 O7 P' 
347.221 
DT  'DNA linking' y "THYMIDINE-5'-MONOPHOSPHATE"                                                         ? 'C10 H15 N2 O8 P' 
322.208 
HOH non-polymer   . WATER                                                                                ? 'H2 O'            
18.015  
SPM non-polymer   . SPERMINE                                                                             ? 'C10 H26 N4'      
202.340 
# 
_exptl.entry_id          2GWA 
_exptl.method            'X-RAY DIFFRACTION' 
_exptl.crystals_number   1 
# 
_exptl_crystal.id                    1 
_exptl_crystal.density_meas          ? 
_exptl_crystal.density_Matthews      2.26 
_exptl_crystal.density_percent_sol   45.69 
_exptl_crystal.description           ? 
_exptl_crystal.F_000                 ? 
_exptl_crystal.preparation           ? 
# 
_exptl_crystal_grow.crystal_id      1 
_exptl_crystal_grow.method          'VAPOR DIFFUSION, SITTING DROP' 
_exptl_crystal_grow.temp            291 
_exptl_crystal_grow.temp_details    ? 
_exptl_crystal_grow.pH              7.0 
_exptl_crystal_grow.pdbx_details    
'40mM SODIUM CACODYLATE PH 7.0, 12mM SPERMINE, 10% MPD, WITH 35% MPD RESERVOIR., VAPOR DIFFUSION, SITTING DROP, temperature 291K' 
_exptl_crystal_grow.pdbx_pH_range   . 
# 
loop_
_exptl_crystal_grow_comp.crystal_id 
_exptl_crystal_grow_comp.id 
_exptl_crystal_grow_comp.sol_id 
_exptl_crystal_grow_comp.name 
_exptl_crystal_grow_comp.volume 
_exptl_crystal_grow_comp.conc 
_exptl_crystal_grow_comp.details 
1 1 1 'SODIUM CACODYLATE' ? ? ? 
1 2 1 SPERMINE            ? ? ? 
1 3 1 MPD                 ? ? ? 
1 4 1 H2O                 ? ? ? 
1 5 2 'SODIUM CACODYLATE' ? ? ? 
1 6 2 MPD                 ? ? ? 
# 
_diffrn.id                     1 
_diffrn.ambient_temp           100 
_diffrn.ambient_temp_details   ? 
_diffrn.crystal_id             1 
# 
_diffrn_detector.diffrn_id              1 
_diffrn_detector.detector               CCD 
_diffrn_detector.type                   MARRESEARCH 
_diffrn_detector.pdbx_collection_date   2005-02-10 
_diffrn_detector.details                ? 
# 
_diffrn_radiation.diffrn_id                        1 
_diffrn_radiation.wavelength_id                    1 
_diffrn_radiation.pdbx_monochromatic_or_laue_m_l   M 
_diffrn_radiation.monochromator                    ? 
_diffrn_radiation.pdbx_diffrn_protocol             'SINGLE WAVELENGTH' 
_diffrn_radiation.pdbx_scattering_type             x-ray 
# 
_diffrn_radiation_wavelength.id           1 
_diffrn_radiation_wavelength.wavelength   0.806 
_diffrn_radiation_wavelength.wt           1.0 
# 
_diffrn_source.diffrn_id                   1 
_diffrn_source.source                      SYNCHROTRON 
_diffrn_source.type                        'EMBL/DESY, HAMBURG BEAMLINE X11' 
_diffrn_source.pdbx_synchrotron_site       'EMBL/DESY, HAMBURG' 
_diffrn_source.pdbx_synchrotron_beamline   X11 
_diffrn_source.pdbx_wavelength             ? 
_diffrn_source.pdbx_wavelength_list        0.806 
# 
_reflns.entry_id                     2GWA 
_reflns.observed_criterion_sigma_I   5 
_reflns.observed_criterion_sigma_F   5 
_reflns.d_resolution_low             6.0 
_reflns.d_resolution_high            1.75 
_reflns.number_obs                   4045 
_reflns.number_all                   4960 
_reflns.percent_possible_obs         86.4 
_reflns.pdbx_Rmerge_I_obs            0.042 
_reflns.pdbx_Rsym_value              ? 
_reflns.pdbx_netI_over_sigmaI        13.1 
_reflns.B_iso_Wilson_estimate        23.7 
_reflns.pdbx_redundancy              2.2 
_reflns.R_free_details               ? 
_reflns.pdbx_chi_squared             ? 
_reflns.pdbx_scaling_rejects         ? 
_reflns.pdbx_diffrn_id               1 
_reflns.pdbx_ordinal                 1 
# 
_reflns_shell.d_res_high             1.75 
_reflns_shell.d_res_low              1.79 
_reflns_shell.percent_possible_all   86.4 
_reflns_shell.Rmerge_I_obs           0.093 
_reflns_shell.pdbx_Rsym_value        ? 
_reflns_shell.meanI_over_sigI_obs    5.2 
_reflns_shell.pdbx_redundancy        2.1 
_reflns_shell.percent_possible_obs   ? 
_reflns_shell.number_unique_all      4960 
_reflns_shell.number_measured_all    ? 
_reflns_shell.number_measured_obs    ? 
_reflns_shell.number_unique_obs      ? 
_reflns_shell.pdbx_chi_squared       ? 
_reflns_shell.pdbx_diffrn_id         ? 
_reflns_shell.pdbx_ordinal           1 
# 
_refine.entry_id                                 2GWA 
_refine.ls_number_reflns_obs                     4045 
_refine.ls_number_reflns_all                     4960 
_refine.pdbx_ls_sigma_I                          ? 
_refine.pdbx_ls_sigma_F                          0.0 
_refine.pdbx_data_cutoff_high_absF               ? 
_refine.pdbx_data_cutoff_low_absF                ? 
_refine.pdbx_data_cutoff_high_rms_absF           ? 
_refine.ls_d_res_low                             6.00 
_refine.ls_d_res_high                            1.75 
_refine.ls_percent_reflns_obs                    86.4 
_refine.ls_R_factor_obs                          0.2769 
_refine.ls_R_factor_all                          0.2769 
_refine.ls_R_factor_R_work                       0.268 
_refine.ls_R_factor_R_free                       0.3101 
_refine.ls_R_factor_R_free_error                 ? 
_refine.ls_R_factor_R_free_error_details         ? 
_refine.ls_percent_reflns_R_free                 5.0 
_refine.ls_number_reflns_R_free                  248 
_refine.ls_number_parameters                     2292 
_refine.ls_number_restraints                     1970 
_refine.occupancy_min                            ? 
_refine.occupancy_max                            ? 
_refine.correlation_coeff_Fo_to_Fc               ? 
_refine.correlation_coeff_Fo_to_Fc_free          ? 
_refine.B_iso_mean                               ? 
_refine.aniso_B[1][1]                            ? 
_refine.aniso_B[2][2]                            ? 
_refine.aniso_B[3][3]                            ? 
_refine.aniso_B[1][2]                            ? 
_refine.aniso_B[1][3]                            ? 
_refine.aniso_B[2][3]                            ? 
_refine.solvent_model_details                    ? 
_refine.solvent_model_param_ksol                 ? 
_refine.solvent_model_param_bsol                 ? 
_refine.pdbx_solvent_vdw_probe_radii             ? 
_refine.pdbx_solvent_ion_probe_radii             ? 
_refine.pdbx_solvent_shrinkage_radii             ? 
_refine.pdbx_ls_cross_valid_method               'FREE R' 
_refine.details                                  ? 
_refine.pdbx_starting_model                      'PDB ENTRY 1NQS' 
_refine.pdbx_method_to_determine_struct          ? 
_refine.pdbx_isotropic_thermal_model             ? 
_refine.pdbx_stereochemistry_target_values       'ENGH AND HUBER' 
_refine.pdbx_stereochem_target_val_spec_case     ? 
_refine.pdbx_R_Free_selection_details            RANDOM 
_refine.pdbx_overall_ESU_R                       ? 
_refine.pdbx_overall_ESU_R_Free                  ? 
_refine.overall_SU_ML                            ? 
_refine.overall_SU_B                             ? 
_refine.ls_redundancy_reflns_obs                 ? 
_refine.overall_SU_R_Cruickshank_DPI             ? 
_refine.overall_SU_R_free                        ? 
_refine.ls_wR_factor_R_free                      ? 
_refine.ls_wR_factor_R_work                      ? 
_refine.overall_FOM_free_R_set                   ? 
_refine.overall_FOM_work_R_set                   ? 
_refine.pdbx_refine_id                           'X-RAY DIFFRACTION' 
_refine.pdbx_diffrn_id                           1 
_refine.pdbx_TLS_residual_ADP_flag               ? 
_refine.pdbx_overall_phase_error                 ? 
_refine.pdbx_overall_SU_R_free_Cruickshank_DPI   ? 
_refine.pdbx_overall_SU_R_Blow_DPI               ? 
_refine.pdbx_overall_SU_R_free_Blow_DPI          ? 
# 
_refine_analyze.entry_id                        2GWA 
_refine_analyze.Luzzati_d_res_low_free          ? 
_refine_analyze.number_disordered_residues      0 
_refine_analyze.occupancy_sum_hydrogen          0.00 
_refine_analyze.occupancy_sum_non_hydrogen      572.00 
_refine_analyze.Luzzati_coordinate_error_obs    ? 
_refine_analyze.Luzzati_d_res_low_obs           ? 
_refine_analyze.Luzzati_coordinate_error_free   ? 
_refine_analyze.Luzzati_sigma_a_obs             ? 
_refine_analyze.Luzzati_sigma_a_free            ? 
_refine_analyze.pdbx_refine_id                  'X-RAY DIFFRACTION' 
# 
_refine_hist.pdbx_refine_id                   'X-RAY DIFFRACTION' 
_refine_hist.cycle_id                         LAST 
_refine_hist.pdbx_number_atoms_protein        0 
_refine_hist.pdbx_number_atoms_nucleic_acid   404 
_refine_hist.pdbx_number_atoms_ligand         40 
_refine_hist.number_atoms_solvent             129 
_refine_hist.number_atoms_total               573 
_refine_hist.d_res_high                       1.75 
_refine_hist.d_res_low                        6.00 
# 
loop_
_refine_ls_restr.type 
_refine_ls_restr.dev_ideal 
_refine_ls_restr.dev_ideal_target 
_refine_ls_restr.weight 
_refine_ls_restr.number 
_refine_ls_restr.pdbx_refine_id 
_refine_ls_restr.pdbx_restraint_function 
s_bond_d               0.016  ? ? ? 'X-RAY DIFFRACTION' ? 
s_angle_d              0.018  ? ? ? 'X-RAY DIFFRACTION' ? 
s_similar_dist         0.000  ? ? ? 'X-RAY DIFFRACTION' ? 
s_from_restr_planes    0.0018 ? ? ? 'X-RAY DIFFRACTION' ? 
s_zero_chiral_vol      0.000  ? ? ? 'X-RAY DIFFRACTION' ? 
s_non_zero_chiral_vol  0.000  ? ? ? 'X-RAY DIFFRACTION' ? 
s_anti_bump_dis_restr  0.005  ? ? ? 'X-RAY DIFFRACTION' ? 
s_rigid_bond_adp_cmpnt 0.000  ? ? ? 'X-RAY DIFFRACTION' ? 
s_similar_adp_cmpnt    0.092  ? ? ? 'X-RAY DIFFRACTION' ? 
s_approx_iso_adps      0.000  ? ? ? 'X-RAY DIFFRACTION' ? 
# 
_pdbx_refine.entry_id                                    2GWA 
_pdbx_refine.R_factor_all_no_cutoff                      0.2769 
_pdbx_refine.R_factor_obs_no_cutoff                      0.2769 
_pdbx_refine.free_R_factor_no_cutoff                     0.3101 
_pdbx_refine.free_R_val_test_set_size_perc_no_cutoff     5.0 
_pdbx_refine.free_R_val_test_set_ct_no_cutoff            248 
_pdbx_refine.R_factor_all_4sig_cutoff                    0.268 
_pdbx_refine.R_factor_obs_4sig_cutoff                    0.268 
_pdbx_refine.free_R_factor_4sig_cutoff                   0.2993 
_pdbx_refine.free_R_val_test_set_size_perc_4sig_cutoff   4.9 
_pdbx_refine.free_R_val_test_set_ct_4sig_cutoff          200 
_pdbx_refine.number_reflns_obs_4sig_cutoff               4045 
_pdbx_refine.pdbx_refine_id                              'X-RAY DIFFRACTION' 
_pdbx_refine.free_R_error_no_cutoff                      ? 
# 
_struct.entry_id                  2GWA 
_struct.title                     
'Crystal Structure of a Complex Formed Between the DNA Holliday Junction and a Bis-Acridine Molecule.' 
_struct.pdbx_model_details        ? 
_struct.pdbx_CASP_flag            ? 
_struct.pdbx_model_type_details   ? 
# 
_struct_keywords.entry_id        2GWA 
_struct_keywords.pdbx_keywords   DNA 
_struct_keywords.text            'DNA HOLLIDAY JUNCTION BIS-ACRIDINE, DNA' 
# 
loop_
_struct_asym.id 
_struct_asym.pdbx_blank_PDB_chainid_flag 
_struct_asym.pdbx_modified 
_struct_asym.entity_id 
_struct_asym.details 
A N N 1 ? 
B N N 1 ? 
C N N 2 ? 
D N N 3 ? 
E N N 4 ? 
F N N 4 ? 
# 
_struct_biol.id                    1 
_struct_biol.details               'THE SECOND PART OF THE BIOLOGICAL UNIT IS GENERATED BY THE SYMMETRY OPERATION: -X, Y, -Z.' 
_struct_biol.pdbx_parent_biol_id   ? 
# 
loop_
_struct_conn.id 
_struct_conn.conn_type_id 
_struct_conn.pdbx_leaving_atom_flag 
_struct_conn.pdbx_PDB_id 
_struct_conn.ptnr1_label_asym_id 
_struct_conn.ptnr1_label_comp_id 
_struct_conn.ptnr1_label_seq_id 
_struct_conn.ptnr1_label_atom_id 
_struct_conn.pdbx_ptnr1_label_alt_id 
_struct_conn.pdbx_ptnr1_PDB_ins_code 
_struct_conn.pdbx_ptnr1_standard_comp_id 
_struct_conn.ptnr1_symmetry 
_struct_conn.ptnr2_label_asym_id 
_struct_conn.ptnr2_label_comp_id 
_struct_conn.ptnr2_label_seq_id 
_struct_conn.ptnr2_label_atom_id 
_struct_conn.pdbx_ptnr2_label_alt_id 
_struct_conn.pdbx_ptnr2_PDB_ins_code 
_struct_conn.ptnr1_auth_asym_id 
_struct_conn.ptnr1_auth_comp_id 
_struct_conn.ptnr1_auth_seq_id 
_struct_conn.ptnr2_auth_asym_id 
_struct_conn.ptnr2_auth_comp_id 
_struct_conn.ptnr2_auth_seq_id 
_struct_conn.ptnr2_symmetry 
_struct_conn.pdbx_ptnr3_label_atom_id 
_struct_conn.pdbx_ptnr3_label_seq_id 
_struct_conn.pdbx_ptnr3_label_comp_id 
_struct_conn.pdbx_ptnr3_label_asym_id 
_struct_conn.pdbx_ptnr3_label_alt_id 
_struct_conn.pdbx_ptnr3_PDB_ins_code 
_struct_conn.details 
_struct_conn.pdbx_dist_value 
_struct_conn.pdbx_value_order 
_struct_conn.pdbx_role 
covale1  covale none ? C A4C . CX6 ? ? ? 1_555 C A4C .  CX6 ? ? A A4C 11 A A4C 11 2_555 ? ? ? ? ? ? ?            1.513 ? ? 
hydrog1  hydrog ?    ? A DT  1 N3  ? ? ? 1_555 B DA  10 N1  ? ? A DT  1  B DA  10 1_555 ? ? ? ? ? ? 'DT-DA PAIR' ?     ? ? 
hydrog2  hydrog ?    ? A DC  2 N3  ? ? ? 1_555 B DG  9  N1  ? ? A DC  2  B DG  9  1_555 ? ? ? ? ? ? WATSON-CRICK ?     ? ? 
hydrog3  hydrog ?    ? A DC  2 N4  ? ? ? 1_555 B DG  9  O6  ? ? A DC  2  B DG  9  1_555 ? ? ? ? ? ? WATSON-CRICK ?     ? ? 
hydrog4  hydrog ?    ? A DC  2 O2  ? ? ? 1_555 B DG  9  N2  ? ? A DC  2  B DG  9  1_555 ? ? ? ? ? ? WATSON-CRICK ?     ? ? 
hydrog5  hydrog ?    ? A DG  3 N1  ? ? ? 1_555 B DC  8  N3  ? ? A DG  3  B DC  8  1_555 ? ? ? ? ? ? WATSON-CRICK ?     ? ? 
hydrog6  hydrog ?    ? A DG  3 N2  ? ? ? 1_555 B DC  8  O2  ? ? A DG  3  B DC  8  1_555 ? ? ? ? ? ? WATSON-CRICK ?     ? ? 
hydrog7  hydrog ?    ? A DG  3 O6  ? ? ? 1_555 B DC  8  N4  ? ? A DG  3  B DC  8  1_555 ? ? ? ? ? ? WATSON-CRICK ?     ? ? 
hydrog8  hydrog ?    ? A DG  4 N1  ? ? ? 1_555 B DC  7  N3  ? ? A DG  4  B DC  7  1_555 ? ? ? ? ? ? WATSON-CRICK ?     ? ? 
hydrog9  hydrog ?    ? A DG  4 N2  ? ? ? 1_555 B DC  7  O2  ? ? A DG  4  B DC  7  1_555 ? ? ? ? ? ? WATSON-CRICK ?     ? ? 
hydrog10 hydrog ?    ? A DG  4 O6  ? ? ? 1_555 B DC  7  N4  ? ? A DG  4  B DC  7  1_555 ? ? ? ? ? ? WATSON-CRICK ?     ? ? 
hydrog11 hydrog ?    ? A DT  5 N3  ? ? ? 1_555 B DA  6  N1  ? ? A DT  5  B DA  6  1_555 ? ? ? ? ? ? WATSON-CRICK ?     ? ? 
hydrog12 hydrog ?    ? A DT  5 O4  ? ? ? 1_555 B DA  6  N6  ? ? A DT  5  B DA  6  1_555 ? ? ? ? ? ? WATSON-CRICK ?     ? ? 
# 
loop_
_struct_conn_type.id 
_struct_conn_type.criteria 
_struct_conn_type.reference 
covale ? ? 
hydrog ? ? 
# 
loop_
_struct_site.id 
_struct_site.pdbx_evidence_code 
_struct_site.pdbx_auth_asym_id 
_struct_site.pdbx_auth_comp_id 
_struct_site.pdbx_auth_seq_id 
_struct_site.pdbx_auth_ins_code 
_struct_site.pdbx_num_residues 
_struct_site.details 
AC1 Software A A4C 11 ? 8 'BINDING SITE FOR RESIDUE A4C A 11' 
AC2 Software A SPM 12 ? 7 'BINDING SITE FOR RESIDUE SPM A 12' 
1   ?        ? ?   ?  ? ? ?                                   
# 
loop_
_struct_site_gen.id 
_struct_site_gen.site_id 
_struct_site_gen.pdbx_num_res 
_struct_site_gen.label_comp_id 
_struct_site_gen.label_asym_id 
_struct_site_gen.label_seq_id 
_struct_site_gen.pdbx_auth_ins_code 
_struct_site_gen.auth_comp_id 
_struct_site_gen.auth_asym_id 
_struct_site_gen.auth_seq_id 
_struct_site_gen.label_atom_id 
_struct_site_gen.label_alt_id 
_struct_site_gen.symmetry 
_struct_site_gen.details 
1  AC1 8 DT  A 5 ? DT  A 5   . ? 1_555 ? 
2  AC1 8 DA  A 6 ? DA  A 6   . ? 1_555 ? 
3  AC1 8 DA  A 6 ? DA  A 6   . ? 2_555 ? 
4  AC1 8 DC  A 7 ? DC  A 7   . ? 2_555 ? 
5  AC1 8 DC  A 8 ? DC  A 8   . ? 2_555 ? 
6  AC1 8 DG  B 4 ? DG  B 4   . ? 1_555 ? 
7  AC1 8 DT  B 5 ? DT  B 5   . ? 1_555 ? 
8  AC1 8 DA  B 6 ? DA  B 6   . ? 1_555 ? 
9  AC2 7 DG  A 4 ? DG  A 4   . ? 1_555 ? 
10 AC2 7 DT  A 5 ? DT  A 5   . ? 1_555 ? 
11 AC2 7 DA  A 6 ? DA  A 6   . ? 1_555 ? 
12 AC2 7 HOH E . ? HOH A 124 . ? 1_555 ? 
13 AC2 7 HOH E . ? HOH A 158 . ? 1_545 ? 
14 AC2 7 HOH E . ? HOH A 167 . ? 1_555 ? 
15 AC2 7 HOH E . ? HOH A 197 . ? 1_555 ? 
# 
_atom_sites.entry_id                    2GWA 
_atom_sites.fract_transf_matrix[1][1]   -0.01591909 
_atom_sites.fract_transf_matrix[1][2]   -0.00115845 
_atom_sites.fract_transf_matrix[1][3]   -0.00385203 
_atom_sites.fract_transf_matrix[2][1]   -0.00974380 
_atom_sites.fract_transf_matrix[2][2]   0.01126688 
_atom_sites.fract_transf_matrix[2][3]   0.03687936 
_atom_sites.fract_transf_matrix[3][1]   -0.00987020 
_atom_sites.fract_transf_matrix[3][2]   0.02475712 
_atom_sites.fract_transf_matrix[3][3]   -0.01017124 
_atom_sites.fract_transf_vector[1]      -0.041545 
_atom_sites.fract_transf_vector[2]      0.006375 
_atom_sites.fract_transf_vector[3]      0.144362 
# 
loop_
_atom_type.symbol 
C 
N 
O 
P 
# 
loop_
_atom_site.group_PDB 
_atom_site.id 
_atom_site.type_symbol 
_atom_site.label_atom_id 
_atom_site.label_alt_id 
_atom_site.label_comp_id 
_atom_site.label_asym_id 
_atom_site.label_entity_id 
_atom_site.label_seq_id 
_atom_site.pdbx_PDB_ins_code 
_atom_site.Cartn_x 
_atom_site.Cartn_y 
_atom_site.Cartn_z 
_atom_site.occupancy 
_atom_site.B_iso_or_equiv 
_atom_site.pdbx_formal_charge 
_atom_site.auth_seq_id 
_atom_site.auth_comp_id 
_atom_site.auth_asym_id 
_atom_site.auth_atom_id 
_atom_site.pdbx_PDB_model_num 
ATOM   1   O "O5'" . DT  A 1 1  ? 8.478   13.144  -4.433  1.00 55.10 ? 1   DT  A "O5'" 1 
ATOM   2   C "C5'" . DT  A 1 1  ? 8.450   12.067  -5.353  1.00 30.91 ? 1   DT  A "C5'" 1 
ATOM   3   C "C4'" . DT  A 1 1  ? 9.379   12.194  -6.540  1.00 28.46 ? 1   DT  A "C4'" 1 
ATOM   4   O "O4'" . DT  A 1 1  ? 10.759  11.916  -6.119  1.00 27.71 ? 1   DT  A "O4'" 1 
ATOM   5   C "C3'" . DT  A 1 1  ? 9.102   11.124  -7.595  1.00 12.14 ? 1   DT  A "C3'" 1 
ATOM   6   O "O3'" . DT  A 1 1  ? 9.644   11.406  -8.883  1.00 18.60 ? 1   DT  A "O3'" 1 
ATOM   7   C "C2'" . DT  A 1 1  ? 9.805   9.903   -7.039  1.00 28.13 ? 1   DT  A "C2'" 1 
ATOM   8   C "C1'" . DT  A 1 1  ? 10.957  10.505  -6.246  1.00 27.17 ? 1   DT  A "C1'" 1 
ATOM   9   N N1    . DT  A 1 1  ? 11.285  10.008  -4.874  1.00 33.36 ? 1   DT  A N1    1 
ATOM   10  C C2    . DT  A 1 1  ? 11.817  8.738   -4.728  1.00 40.05 ? 1   DT  A C2    1 
ATOM   11  O O2    . DT  A 1 1  ? 12.023  8.013   -5.708  1.00 59.03 ? 1   DT  A O2    1 
ATOM   12  N N3    . DT  A 1 1  ? 12.118  8.281   -3.465  1.00 36.54 ? 1   DT  A N3    1 
ATOM   13  C C4    . DT  A 1 1  ? 11.897  9.073   -2.352  1.00 35.03 ? 1   DT  A C4    1 
ATOM   14  O O4    . DT  A 1 1  ? 12.184  8.618   -1.237  1.00 45.68 ? 1   DT  A O4    1 
ATOM   15  C C5    . DT  A 1 1  ? 11.336  10.407  -2.531  1.00 29.85 ? 1   DT  A C5    1 
ATOM   16  C C7    . DT  A 1 1  ? 11.089  11.284  -1.320  1.00 8.29  ? 1   DT  A C7    1 
ATOM   17  C C6    . DT  A 1 1  ? 11.058  10.811  -3.777  1.00 26.36 ? 1   DT  A C6    1 
ATOM   18  P P     . DC  A 1 2  ? 8.841   11.387  -10.241 1.00 33.21 ? 2   DC  A P     1 
ATOM   19  O OP1   . DC  A 1 2  ? 9.679   10.853  -11.367 1.00 38.96 ? 2   DC  A OP1   1 
ATOM   20  O OP2   . DC  A 1 2  ? 8.053   12.655  -10.395 1.00 53.96 ? 2   DC  A OP2   1 
ATOM   21  O "O5'" . DC  A 1 2  ? 7.877   10.246  -9.742  1.00 24.49 ? 2   DC  A "O5'" 1 
ATOM   22  C "C5'" . DC  A 1 2  ? 8.031   8.858   -9.984  1.00 19.26 ? 2   DC  A "C5'" 1 
ATOM   23  C "C4'" . DC  A 1 2  ? 7.098   7.911   -9.331  1.00 17.87 ? 2   DC  A "C4'" 1 
ATOM   24  O "O4'" . DC  A 1 2  ? 7.340   7.735   -7.912  1.00 20.66 ? 2   DC  A "O4'" 1 
ATOM   25  C "C3'" . DC  A 1 2  ? 5.616   8.194   -9.497  1.00 13.50 ? 2   DC  A "C3'" 1 
ATOM   26  O "O3'" . DC  A 1 2  ? 4.885   7.042   -9.944  1.00 27.15 ? 2   DC  A "O3'" 1 
ATOM   27  C "C2'" . DC  A 1 2  ? 5.121   8.615   -8.145  1.00 15.59 ? 2   DC  A "C2'" 1 
ATOM   28  C "C1'" . DC  A 1 2  ? 6.103   7.913   -7.218  1.00 10.81 ? 2   DC  A "C1'" 1 
ATOM   29  N N1    . DC  A 1 2  ? 6.430   8.433   -5.886  1.00 20.95 ? 2   DC  A N1    1 
ATOM   30  C C2    . DC  A 1 2  ? 7.383   7.636   -5.212  1.00 23.43 ? 2   DC  A C2    1 
ATOM   31  O O2    . DC  A 1 2  ? 7.811   6.631   -5.801  1.00 31.64 ? 2   DC  A O2    1 
ATOM   32  N N3    . DC  A 1 2  ? 7.772   8.000   -3.984  1.00 21.47 ? 2   DC  A N3    1 
ATOM   33  C C4    . DC  A 1 2  ? 7.265   9.101   -3.410  1.00 23.30 ? 2   DC  A C4    1 
ATOM   34  N N4    . DC  A 1 2  ? 7.697   9.404   -2.183  1.00 40.40 ? 2   DC  A N4    1 
ATOM   35  C C5    . DC  A 1 2  ? 6.304   9.919   -4.070  1.00 19.56 ? 2   DC  A C5    1 
ATOM   36  C C6    . DC  A 1 2  ? 5.923   9.541   -5.308  1.00 17.96 ? 2   DC  A C6    1 
ATOM   37  P P     . DG  A 1 3  ? 5.010   6.537   -11.465 1.00 32.00 ? 3   DG  A P     1 
ATOM   38  O OP1   . DG  A 1 3  ? 6.464   6.462   -11.843 1.00 33.82 ? 3   DG  A OP1   1 
ATOM   39  O OP2   . DG  A 1 3  ? 4.036   7.326   -12.290 1.00 31.55 ? 3   DG  A OP2   1 
ATOM   40  O "O5'" . DG  A 1 3  ? 4.464   5.096   -11.226 1.00 29.87 ? 3   DG  A "O5'" 1 
ATOM   41  C "C5'" . DG  A 1 3  ? 5.168   3.880   -11.500 1.00 31.93 ? 3   DG  A "C5'" 1 
ATOM   42  C "C4'" . DG  A 1 3  ? 5.110   2.874   -10.376 1.00 30.65 ? 3   DG  A "C4'" 1 
ATOM   43  O "O4'" . DG  A 1 3  ? 5.136   3.571   -9.097  1.00 30.03 ? 3   DG  A "O4'" 1 
ATOM   44  C "C3'" . DG  A 1 3  ? 3.873   2.003   -10.387 1.00 28.60 ? 3   DG  A "C3'" 1 
ATOM   45  O "O3'" . DG  A 1 3  ? 4.062   0.646   -10.040 1.00 44.21 ? 3   DG  A "O3'" 1 
ATOM   46  C "C2'" . DG  A 1 3  ? 2.938   2.655   -9.393  1.00 33.62 ? 3   DG  A "C2'" 1 
ATOM   47  C "C1'" . DG  A 1 3  ? 3.887   3.319   -8.413  1.00 28.97 ? 3   DG  A "C1'" 1 
ATOM   48  N N9    . DG  A 1 3  ? 3.632   4.488   -7.586  1.00 32.94 ? 3   DG  A N9    1 
ATOM   49  C C8    . DG  A 1 3  ? 2.894   5.587   -7.979  1.00 34.45 ? 3   DG  A C8    1 
ATOM   50  N N7    . DG  A 1 3  ? 2.816   6.505   -7.048  1.00 34.30 ? 3   DG  A N7    1 
ATOM   51  C C5    . DG  A 1 3  ? 3.538   5.987   -5.988  1.00 27.57 ? 3   DG  A C5    1 
ATOM   52  C C6    . DG  A 1 3  ? 3.826   6.491   -4.708  1.00 31.97 ? 3   DG  A C6    1 
ATOM   53  O O6    . DG  A 1 3  ? 3.376   7.624   -4.379  1.00 27.37 ? 3   DG  A O6    1 
ATOM   54  N N1    . DG  A 1 3  ? 4.585   5.746   -3.838  1.00 25.61 ? 3   DG  A N1    1 
ATOM   55  C C2    . DG  A 1 3  ? 5.047   4.540   -4.219  1.00 9.81  ? 3   DG  A C2    1 
ATOM   56  N N2    . DG  A 1 3  ? 5.777   3.833   -3.374  1.00 28.18 ? 3   DG  A N2    1 
ATOM   57  N N3    . DG  A 1 3  ? 4.785   4.039   -5.441  1.00 19.87 ? 3   DG  A N3    1 
ATOM   58  C C4    . DG  A 1 3  ? 4.043   4.735   -6.329  1.00 30.88 ? 3   DG  A C4    1 
ATOM   59  P P     . DG  A 1 4  ? 3.978   -0.607  -10.970 1.00 51.36 ? 4   DG  A P     1 
ATOM   60  O OP1   . DG  A 1 4  ? 4.532   -0.350  -12.340 1.00 60.03 ? 4   DG  A OP1   1 
ATOM   61  O OP2   . DG  A 1 4  ? 2.688   -1.342  -10.774 1.00 54.53 ? 4   DG  A OP2   1 
ATOM   62  O "O5'" . DG  A 1 4  ? 5.086   -1.202  -10.051 1.00 48.68 ? 4   DG  A "O5'" 1 
ATOM   63  C "C5'" . DG  A 1 4  ? 4.940   -2.244  -9.085  1.00 46.54 ? 4   DG  A "C5'" 1 
ATOM   64  C "C4'" . DG  A 1 4  ? 3.756   -2.081  -8.193  1.00 47.43 ? 4   DG  A "C4'" 1 
ATOM   65  O "O4'" . DG  A 1 4  ? 3.996   -1.070  -7.170  1.00 54.21 ? 4   DG  A "O4'" 1 
ATOM   66  C "C3'" . DG  A 1 4  ? 3.252   -3.279  -7.413  1.00 46.19 ? 4   DG  A "C3'" 1 
ATOM   67  O "O3'" . DG  A 1 4  ? 4.220   -3.982  -6.649  1.00 46.53 ? 4   DG  A "O3'" 1 
ATOM   68  C "C2'" . DG  A 1 4  ? 2.284   -2.616  -6.436  1.00 47.71 ? 4   DG  A "C2'" 1 
ATOM   69  C "C1'" . DG  A 1 4  ? 2.949   -1.286  -6.165  1.00 52.40 ? 4   DG  A "C1'" 1 
ATOM   70  N N9    . DG  A 1 4  ? 2.458   0.046   -5.961  1.00 46.24 ? 4   DG  A N9    1 
ATOM   71  C C8    . DG  A 1 4  ? 1.806   0.848   -6.878  1.00 40.85 ? 4   DG  A C8    1 
ATOM   72  N N7    . DG  A 1 4  ? 1.484   2.019   -6.381  1.00 37.13 ? 4   DG  A N7    1 
ATOM   73  C C5    . DG  A 1 4  ? 1.948   1.980   -5.076  1.00 37.81 ? 4   DG  A C5    1 
ATOM   74  C C6    . DG  A 1 4  ? 1.907   2.926   -4.038  1.00 39.09 ? 4   DG  A C6    1 
ATOM   75  O O6    . DG  A 1 4  ? 1.367   4.041   -4.242  1.00 27.95 ? 4   DG  A O6    1 
ATOM   76  N N1    . DG  A 1 4  ? 2.461   2.608   -2.815  1.00 44.92 ? 4   DG  A N1    1 
ATOM   77  C C2    . DG  A 1 4  ? 3.029   1.411   -2.627  1.00 36.37 ? 4   DG  A C2    1 
ATOM   78  N N2    . DG  A 1 4  ? 3.557   1.116   -1.450  1.00 53.00 ? 4   DG  A N2    1 
ATOM   79  N N3    . DG  A 1 4  ? 3.080   0.487   -3.612  1.00 42.89 ? 4   DG  A N3    1 
ATOM   80  C C4    . DG  A 1 4  ? 2.551   0.754   -4.825  1.00 44.33 ? 4   DG  A C4    1 
ATOM   81  P P     . DT  A 1 5  ? 3.952   -4.959  -5.453  1.00 49.25 ? 5   DT  A P     1 
ATOM   82  O OP1   . DT  A 1 5  ? 5.154   -5.796  -5.126  1.00 40.05 ? 5   DT  A OP1   1 
ATOM   83  O OP2   . DT  A 1 5  ? 2.591   -5.583  -5.566  1.00 51.30 ? 5   DT  A OP2   1 
ATOM   84  O "O5'" . DT  A 1 5  ? 3.877   -3.758  -4.439  1.00 44.71 ? 5   DT  A "O5'" 1 
ATOM   85  C "C5'" . DT  A 1 5  ? 4.096   -3.820  -3.040  1.00 44.45 ? 5   DT  A "C5'" 1 
ATOM   86  C "C4'" . DT  A 1 5  ? 2.966   -3.488  -2.131  1.00 46.09 ? 5   DT  A "C4'" 1 
ATOM   87  O "O4'" . DT  A 1 5  ? 2.301   -2.249  -2.471  1.00 45.32 ? 5   DT  A "O4'" 1 
ATOM   88  C "C3'" . DT  A 1 5  ? 1.912   -4.543  -1.909  1.00 44.67 ? 5   DT  A "C3'" 1 
ATOM   89  O "O3'" . DT  A 1 5  ? 1.776   -4.988  -0.556  1.00 49.14 ? 5   DT  A "O3'" 1 
ATOM   90  C "C2'" . DT  A 1 5  ? 0.601   -3.911  -2.325  1.00 39.37 ? 5   DT  A "C2'" 1 
ATOM   91  C "C1'" . DT  A 1 5  ? 0.891   -2.427  -2.260  1.00 37.58 ? 5   DT  A "C1'" 1 
ATOM   92  N N1    . DT  A 1 5  ? 0.204   -1.386  -3.058  1.00 35.07 ? 5   DT  A N1    1 
ATOM   93  C C2    . DT  A 1 5  ? -0.130  -0.181  -2.463  1.00 34.18 ? 5   DT  A C2    1 
ATOM   94  O O2    . DT  A 1 5  ? 0.138   0.033   -1.275  1.00 51.65 ? 5   DT  A O2    1 
ATOM   95  N N3    . DT  A 1 5  ? -0.767  0.782   -3.208  1.00 24.33 ? 5   DT  A N3    1 
ATOM   96  C C4    . DT  A 1 5  ? -1.076  0.557   -4.545  1.00 25.85 ? 5   DT  A C4    1 
ATOM   97  O O4    . DT  A 1 5  ? -1.652  1.458   -5.174  1.00 36.55 ? 5   DT  A O4    1 
ATOM   98  C C5    . DT  A 1 5  ? -0.715  -0.714  -5.146  1.00 29.09 ? 5   DT  A C5    1 
ATOM   99  C C7    . DT  A 1 5  ? -1.032  -1.000  -6.599  1.00 33.23 ? 5   DT  A C7    1 
ATOM   100 C C6    . DT  A 1 5  ? -0.095  -1.626  -4.382  1.00 32.70 ? 5   DT  A C6    1 
ATOM   101 P P     . DA  A 1 6  ? 2.333   -6.327  0.045   1.00 51.64 ? 6   DA  A P     1 
ATOM   102 O OP1   . DA  A 1 6  ? 3.631   -6.730  -0.595  1.00 61.65 ? 6   DA  A OP1   1 
ATOM   103 O OP2   . DA  A 1 6  ? 1.222   -7.321  0.223   1.00 43.23 ? 6   DA  A OP2   1 
ATOM   104 O "O5'" . DA  A 1 6  ? 2.635   -5.647  1.423   1.00 62.38 ? 6   DA  A "O5'" 1 
ATOM   105 C "C5'" . DA  A 1 6  ? 2.600   -6.253  2.707   1.00 66.36 ? 6   DA  A "C5'" 1 
ATOM   106 C "C4'" . DA  A 1 6  ? 1.840   -5.471  3.765   1.00 69.14 ? 6   DA  A "C4'" 1 
ATOM   107 O "O4'" . DA  A 1 6  ? 2.636   -4.289  4.119   1.00 76.80 ? 6   DA  A "O4'" 1 
ATOM   108 C "C3'" . DA  A 1 6  ? 0.531   -4.900  3.238   1.00 63.28 ? 6   DA  A "C3'" 1 
ATOM   109 O "O3'" . DA  A 1 6  ? -0.470  -4.573  4.166   1.00 50.81 ? 6   DA  A "O3'" 1 
ATOM   110 C "C2'" . DA  A 1 6  ? 0.984   -3.663  2.492   1.00 67.95 ? 6   DA  A "C2'" 1 
ATOM   111 C "C1'" . DA  A 1 6  ? 2.157   -3.193  3.337   1.00 76.38 ? 6   DA  A "C1'" 1 
ATOM   112 N N9    . DA  A 1 6  ? 2.192   -1.965  4.087   1.00 81.84 ? 6   DA  A N9    1 
ATOM   113 C C8    . DA  A 1 6  ? 1.109   -1.131  4.238   1.00 83.62 ? 6   DA  A C8    1 
ATOM   114 N N7    . DA  A 1 6  ? 1.378   -0.065  4.967   1.00 84.76 ? 6   DA  A N7    1 
ATOM   115 C C5    . DA  A 1 6  ? 2.704   -0.215  5.305   1.00 87.64 ? 6   DA  A C5    1 
ATOM   116 C C6    . DA  A 1 6  ? 3.607   0.566   6.066   1.00 89.94 ? 6   DA  A C6    1 
ATOM   117 N N6    . DA  A 1 6  ? 3.194   1.723   6.631   1.00 94.30 ? 6   DA  A N6    1 
ATOM   118 N N1    . DA  A 1 6  ? 4.889   0.147   6.228   1.00 88.13 ? 6   DA  A N1    1 
ATOM   119 C C2    . DA  A 1 6  ? 5.324   -0.994  5.681   1.00 85.99 ? 6   DA  A C2    1 
ATOM   120 N N3    . DA  A 1 6  ? 4.485   -1.777  4.939   1.00 84.78 ? 6   DA  A N3    1 
ATOM   121 C C4    . DA  A 1 6  ? 3.208   -1.401  4.753   1.00 85.60 ? 6   DA  A C4    1 
ATOM   122 P P     . DC  A 1 7  ? -0.362  -4.271  5.693   1.00 39.94 ? 7   DC  A P     1 
ATOM   123 O OP1   . DC  A 1 7  ? -1.365  -3.249  6.146   1.00 55.57 ? 7   DC  A OP1   1 
ATOM   124 O OP2   . DC  A 1 7  ? 1.070   -4.185  6.129   1.00 39.02 ? 7   DC  A OP2   1 
ATOM   125 O "O5'" . DC  A 1 7  ? -0.925  -5.704  6.061   1.00 43.06 ? 7   DC  A "O5'" 1 
ATOM   126 C "C5'" . DC  A 1 7  ? -2.295  -6.034  6.221   1.00 36.63 ? 7   DC  A "C5'" 1 
ATOM   127 C "C4'" . DC  A 1 7  ? -2.702  -7.293  6.884   1.00 28.69 ? 7   DC  A "C4'" 1 
ATOM   128 O "O4'" . DC  A 1 7  ? -2.487  -8.479  6.080   1.00 27.98 ? 7   DC  A "O4'" 1 
ATOM   129 C "C3'" . DC  A 1 7  ? -2.174  -7.611  8.260   1.00 29.74 ? 7   DC  A "C3'" 1 
ATOM   130 O "O3'" . DC  A 1 7  ? -3.087  -8.269  9.130   1.00 36.55 ? 7   DC  A "O3'" 1 
ATOM   131 C "C2'" . DC  A 1 7  ? -1.027  -8.568  7.993   1.00 21.61 ? 7   DC  A "C2'" 1 
ATOM   132 C "C1'" . DC  A 1 7  ? -1.471  -9.279  6.718   1.00 17.47 ? 7   DC  A "C1'" 1 
ATOM   133 N N1    . DC  A 1 7  ? -0.428  -9.456  5.622   1.00 14.17 ? 7   DC  A N1    1 
ATOM   134 C C2    . DC  A 1 7  ? 0.442   -10.552 5.654   1.00 16.63 ? 7   DC  A C2    1 
ATOM   135 O O2    . DC  A 1 7  ? 0.356   -11.370 6.576   1.00 24.41 ? 7   DC  A O2    1 
ATOM   136 N N3    . DC  A 1 7  ? 1.358   -10.677 4.656   1.00 20.17 ? 7   DC  A N3    1 
ATOM   137 C C4    . DC  A 1 7  ? 1.418   -9.774  3.684   1.00 25.60 ? 7   DC  A C4    1 
ATOM   138 N N4    . DC  A 1 7  ? 2.339   -9.931  2.715   1.00 20.69 ? 7   DC  A N4    1 
ATOM   139 C C5    . DC  A 1 7  ? 0.536   -8.651  3.635   1.00 12.65 ? 7   DC  A C5    1 
ATOM   140 C C6    . DC  A 1 7  ? -0.360  -8.542  4.624   1.00 18.17 ? 7   DC  A C6    1 
ATOM   141 P P     . DC  A 1 8  ? -3.437  -7.894  10.608  1.00 39.08 ? 8   DC  A P     1 
ATOM   142 O OP1   . DC  A 1 8  ? -4.523  -8.756  11.179  1.00 35.20 ? 8   DC  A OP1   1 
ATOM   143 O OP2   . DC  A 1 8  ? -3.452  -6.405  10.792  1.00 27.75 ? 8   DC  A OP2   1 
ATOM   144 O "O5'" . DC  A 1 8  ? -2.041  -8.469  11.012  1.00 43.36 ? 8   DC  A "O5'" 1 
ATOM   145 C "C5'" . DC  A 1 8  ? -1.781  -9.701  11.669  1.00 38.28 ? 8   DC  A "C5'" 1 
ATOM   146 C "C4'" . DC  A 1 8  ? -0.407  -9.882  12.249  1.00 29.52 ? 8   DC  A "C4'" 1 
ATOM   147 O "O4'" . DC  A 1 8  ? 0.620   -9.730  11.226  1.00 32.45 ? 8   DC  A "O4'" 1 
ATOM   148 C "C3'" . DC  A 1 8  ? -0.047  -8.900  13.348  1.00 30.25 ? 8   DC  A "C3'" 1 
ATOM   149 O "O3'" . DC  A 1 8  ? 0.813   -9.414  14.363  1.00 33.75 ? 8   DC  A "O3'" 1 
ATOM   150 C "C2'" . DC  A 1 8  ? 0.693   -7.787  12.642  1.00 28.50 ? 8   DC  A "C2'" 1 
ATOM   151 C "C1'" . DC  A 1 8  ? 1.349   -8.530  11.489  1.00 25.67 ? 8   DC  A "C1'" 1 
ATOM   152 N N1    . DC  A 1 8  ? 1.659   -7.817  10.225  1.00 21.30 ? 8   DC  A N1    1 
ATOM   153 C C2    . DC  A 1 8  ? 2.433   -8.526  9.289   1.00 18.92 ? 8   DC  A C2    1 
ATOM   154 O O2    . DC  A 1 8  ? 2.797   -9.669  9.571   1.00 18.15 ? 8   DC  A O2    1 
ATOM   155 N N3    . DC  A 1 8  ? 2.747   -7.930  8.119   1.00 23.60 ? 8   DC  A N3    1 
ATOM   156 C C4    . DC  A 1 8  ? 2.326   -6.683  7.863   1.00 20.38 ? 8   DC  A C4    1 
ATOM   157 N N4    . DC  A 1 8  ? 2.674   -6.155  6.685   1.00 32.57 ? 8   DC  A N4    1 
ATOM   158 C C5    . DC  A 1 8  ? 1.543   -5.950  8.792   1.00 14.62 ? 8   DC  A C5    1 
ATOM   159 C C6    . DC  A 1 8  ? 1.233   -6.550  9.956   1.00 9.45  ? 8   DC  A C6    1 
ATOM   160 P P     . DG  A 1 9  ? 0.531   -9.374  15.904  1.00 38.43 ? 9   DG  A P     1 
ATOM   161 O OP1   . DG  A 1 9  ? -0.759  -10.051 16.258  1.00 31.80 ? 9   DG  A OP1   1 
ATOM   162 O OP2   . DG  A 1 9  ? 0.922   -8.052  16.491  1.00 28.73 ? 9   DG  A OP2   1 
ATOM   163 O "O5'" . DG  A 1 9  ? 1.715   -10.382 16.040  1.00 45.18 ? 9   DG  A "O5'" 1 
ATOM   164 C "C5'" . DG  A 1 9  ? 1.961   -11.554 15.282  1.00 40.54 ? 9   DG  A "C5'" 1 
ATOM   165 C "C4'" . DG  A 1 9  ? 3.440   -11.879 15.115  1.00 39.84 ? 9   DG  A "C4'" 1 
ATOM   166 O "O4'" . DG  A 1 9  ? 3.984   -10.988 14.089  1.00 34.58 ? 9   DG  A "O4'" 1 
ATOM   167 C "C3'" . DG  A 1 9  ? 4.229   -11.555 16.377  1.00 40.21 ? 9   DG  A "C3'" 1 
ATOM   168 O "O3'" . DG  A 1 9  ? 5.462   -12.236 16.553  1.00 42.71 ? 9   DG  A "O3'" 1 
ATOM   169 C "C2'" . DG  A 1 9  ? 4.488   -10.069 16.258  1.00 38.99 ? 9   DG  A "C2'" 1 
ATOM   170 C "C1'" . DG  A 1 9  ? 4.648   -9.896  14.756  1.00 24.37 ? 9   DG  A "C1'" 1 
ATOM   171 N N9    . DG  A 1 9  ? 4.507   -8.701  14.000  1.00 24.68 ? 9   DG  A N9    1 
ATOM   172 C C8    . DG  A 1 9  ? 3.832   -7.555  14.410  1.00 18.39 ? 9   DG  A C8    1 
ATOM   173 N N7    . DG  A 1 9  ? 3.862   -6.608  13.511  1.00 31.63 ? 9   DG  A N7    1 
ATOM   174 C C5    . DG  A 1 9  ? 4.590   -7.150  12.460  1.00 28.04 ? 9   DG  A C5    1 
ATOM   175 C C6    . DG  A 1 9  ? 4.963   -6.618  11.209  1.00 38.28 ? 9   DG  A C6    1 
ATOM   176 O O6    . DG  A 1 9  ? 4.615   -5.451  10.910  1.00 31.48 ? 9   DG  A O6    1 
ATOM   177 N N1    . DG  A 1 9  ? 5.701   -7.396  10.344  1.00 39.55 ? 9   DG  A N1    1 
ATOM   178 C C2    . DG  A 1 9  ? 6.055   -8.640  10.696  1.00 37.63 ? 9   DG  A C2    1 
ATOM   179 N N2    . DG  A 1 9  ? 6.764   -9.378  9.857   1.00 45.49 ? 9   DG  A N2    1 
ATOM   180 N N3    . DG  A 1 9  ? 5.708   -9.168  11.889  1.00 30.58 ? 9   DG  A N3    1 
ATOM   181 C C4    . DG  A 1 9  ? 4.983   -8.439  12.771  1.00 18.56 ? 9   DG  A C4    1 
ATOM   182 P P     . DA  A 1 10 ? 5.991   -12.765 17.962  1.00 40.31 ? 10  DA  A P     1 
ATOM   183 O OP1   . DA  A 1 10 ? 5.024   -13.786 18.505  1.00 35.66 ? 10  DA  A OP1   1 
ATOM   184 O OP2   . DA  A 1 10 ? 6.372   -11.574 18.801  1.00 46.01 ? 10  DA  A OP2   1 
ATOM   185 O "O5'" . DA  A 1 10 ? 7.330   -13.536 17.595  1.00 23.19 ? 10  DA  A "O5'" 1 
ATOM   186 C "C5'" . DA  A 1 10 ? 7.594   -14.170 16.348  1.00 30.09 ? 10  DA  A "C5'" 1 
ATOM   187 C "C4'" . DA  A 1 10 ? 8.794   -13.574 15.632  1.00 33.36 ? 10  DA  A "C4'" 1 
ATOM   188 O "O4'" . DA  A 1 10 ? 8.457   -12.254 15.106  1.00 26.90 ? 10  DA  A "O4'" 1 
ATOM   189 C "C3'" . DA  A 1 10 ? 9.971   -13.382 16.584  1.00 26.45 ? 10  DA  A "C3'" 1 
ATOM   190 O "O3'" . DA  A 1 10 ? 11.241  -13.692 16.049  1.00 50.34 ? 10  DA  A "O3'" 1 
ATOM   191 C "C2'" . DA  A 1 10 ? 9.911   -11.917 16.959  1.00 17.47 ? 10  DA  A "C2'" 1 
ATOM   192 C "C1'" . DA  A 1 10 ? 9.359   -11.301 15.675  1.00 24.61 ? 10  DA  A "C1'" 1 
ATOM   193 N N9    . DA  A 1 10 ? 8.870   -9.964  15.456  1.00 25.28 ? 10  DA  A N9    1 
ATOM   194 C C8    . DA  A 1 10 ? 8.283   -9.164  16.417  1.00 23.93 ? 10  DA  A C8    1 
ATOM   195 N N7    . DA  A 1 10 ? 7.926   -7.985  15.950  1.00 32.22 ? 10  DA  A N7    1 
ATOM   196 C C5    . DA  A 1 10 ? 8.296   -8.016  14.625  1.00 31.92 ? 10  DA  A C5    1 
ATOM   197 C C6    . DA  A 1 10 ? 8.198   -7.081  13.566  1.00 33.44 ? 10  DA  A C6    1 
ATOM   198 N N6    . DA  A 1 10 ? 7.643   -5.867  13.780  1.00 27.16 ? 10  DA  A N6    1 
ATOM   199 N N1    . DA  A 1 10 ? 8.665   -7.409  12.333  1.00 31.20 ? 10  DA  A N1    1 
ATOM   200 C C2    . DA  A 1 10 ? 9.219   -8.604  12.094  1.00 29.13 ? 10  DA  A C2    1 
ATOM   201 N N3    . DA  A 1 10 ? 9.333   -9.531  13.083  1.00 31.76 ? 10  DA  A N3    1 
ATOM   202 C C4    . DA  A 1 10 ? 8.883   -9.251  14.323  1.00 32.11 ? 10  DA  A C4    1 
ATOM   203 O "O5'" . DT  B 1 1  ? -16.225 -10.880 -1.648  1.00 45.15 ? 1   DT  B "O5'" 1 
ATOM   204 C "C5'" . DT  B 1 1  ? -16.000 -9.931  -0.615  1.00 45.93 ? 1   DT  B "C5'" 1 
ATOM   205 C "C4'" . DT  B 1 1  ? -16.712 -8.612  -0.799  1.00 39.27 ? 1   DT  B "C4'" 1 
ATOM   206 O "O4'" . DT  B 1 1  ? -16.888 -7.955  0.496   1.00 39.64 ? 1   DT  B "O4'" 1 
ATOM   207 C "C3'" . DT  B 1 1  ? -15.971 -7.631  -1.685  1.00 35.15 ? 1   DT  B "C3'" 1 
ATOM   208 O "O3'" . DT  B 1 1  ? -16.821 -6.878  -2.576  1.00 34.71 ? 1   DT  B "O3'" 1 
ATOM   209 C "C2'" . DT  B 1 1  ? -15.323 -6.648  -0.733  1.00 33.07 ? 1   DT  B "C2'" 1 
ATOM   210 C "C1'" . DT  B 1 1  ? -16.323 -6.653  0.414   1.00 36.01 ? 1   DT  B "C1'" 1 
ATOM   211 N N1    . DT  B 1 1  ? -16.249 -5.915  1.661   1.00 31.08 ? 1   DT  B N1    1 
ATOM   212 C C2    . DT  B 1 1  ? -16.848 -4.663  1.713   1.00 38.16 ? 1   DT  B C2    1 
ATOM   213 O O2    . DT  B 1 1  ? -17.425 -4.202  0.723   1.00 28.02 ? 1   DT  B O2    1 
ATOM   214 N N3    . DT  B 1 1  ? -16.792 -3.941  2.879   1.00 38.30 ? 1   DT  B N3    1 
ATOM   215 C C4    . DT  B 1 1  ? -16.150 -4.441  3.998   1.00 33.16 ? 1   DT  B C4    1 
ATOM   216 O O4    . DT  B 1 1  ? -16.129 -3.750  5.027   1.00 54.92 ? 1   DT  B O4    1 
ATOM   217 C C5    . DT  B 1 1  ? -15.526 -5.757  3.924   1.00 28.21 ? 1   DT  B C5    1 
ATOM   218 C C7    . DT  B 1 1  ? -14.823 -6.297  5.159   1.00 12.84 ? 1   DT  B C7    1 
ATOM   219 C C6    . DT  B 1 1  ? -15.602 -6.428  2.771   1.00 30.00 ? 1   DT  B C6    1 
ATOM   220 P P     . DC  B 1 2  ? -16.936 -7.180  -4.123  1.00 41.50 ? 2   DC  B P     1 
ATOM   221 O OP1   . DC  B 1 2  ? -18.316 -7.666  -4.472  1.00 48.98 ? 2   DC  B OP1   1 
ATOM   222 O OP2   . DC  B 1 2  ? -15.729 -7.958  -4.575  1.00 51.95 ? 2   DC  B OP2   1 
ATOM   223 O "O5'" . DC  B 1 2  ? -16.780 -5.697  -4.622  1.00 41.44 ? 2   DC  B "O5'" 1 
ATOM   224 C "C5'" . DC  B 1 2  ? -16.774 -4.514  -3.864  1.00 43.89 ? 2   DC  B "C5'" 1 
ATOM   225 C "C4'" . DC  B 1 2  ? -15.590 -3.602  -4.015  1.00 47.42 ? 2   DC  B "C4'" 1 
ATOM   226 O "O4'" . DC  B 1 2  ? -15.036 -3.269  -2.712  1.00 44.25 ? 2   DC  B "O4'" 1 
ATOM   227 C "C3'" . DC  B 1 2  ? -14.457 -4.103  -4.875  1.00 45.76 ? 2   DC  B "C3'" 1 
ATOM   228 O "O3'" . DC  B 1 2  ? -14.105 -3.282  -5.980  1.00 47.89 ? 2   DC  B "O3'" 1 
ATOM   229 C "C2'" . DC  B 1 2  ? -13.261 -4.251  -3.972  1.00 46.09 ? 2   DC  B "C2'" 1 
ATOM   230 C "C1'" . DC  B 1 2  ? -13.612 -3.389  -2.778  1.00 36.86 ? 2   DC  B "C1'" 1 
ATOM   231 N N1    . DC  B 1 2  ? -13.208 -3.664  -1.368  1.00 33.38 ? 2   DC  B N1    1 
ATOM   232 C C2    . DC  B 1 2  ? -13.698 -2.774  -0.399  1.00 35.03 ? 2   DC  B C2    1 
ATOM   233 O O2    . DC  B 1 2  ? -14.418 -1.836  -0.757  1.00 54.05 ? 2   DC  B O2    1 
ATOM   234 N N3    . DC  B 1 2  ? -13.368 -2.971  0.897   1.00 34.98 ? 2   DC  B N3    1 
ATOM   235 C C4    . DC  B 1 2  ? -12.589 -3.998  1.243   1.00 28.28 ? 2   DC  B C4    1 
ATOM   236 N N4    . DC  B 1 2  ? -12.295 -4.143  2.542   1.00 39.05 ? 2   DC  B N4    1 
ATOM   237 C C5    . DC  B 1 2  ? -12.083 -4.912  0.276   1.00 25.12 ? 2   DC  B C5    1 
ATOM   238 C C6    . DC  B 1 2  ? -12.414 -4.709  -1.007  1.00 27.92 ? 2   DC  B C6    1 
ATOM   239 P P     . DG  B 1 3  ? -15.075 -2.758  -7.101  1.00 52.85 ? 3   DG  B P     1 
ATOM   240 O OP1   . DG  B 1 3  ? -16.511 -2.821  -6.664  1.00 54.34 ? 3   DG  B OP1   1 
ATOM   241 O OP2   . DG  B 1 3  ? -14.653 -3.285  -8.443  1.00 63.93 ? 3   DG  B OP2   1 
ATOM   242 O "O5'" . DG  B 1 3  ? -14.551 -1.292  -6.934  1.00 38.21 ? 3   DG  B "O5'" 1 
ATOM   243 C "C5'" . DG  B 1 3  ? -14.535 -0.506  -5.767  1.00 32.01 ? 3   DG  B "C5'" 1 
ATOM   244 C "C4'" . DG  B 1 3  ? -13.578 0.642   -5.678  1.00 33.74 ? 3   DG  B "C4'" 1 
ATOM   245 O "O4'" . DG  B 1 3  ? -12.746 0.488   -4.484  1.00 29.68 ? 3   DG  B "O4'" 1 
ATOM   246 C "C3'" . DG  B 1 3  ? -12.600 0.836   -6.822  1.00 18.69 ? 3   DG  B "C3'" 1 
ATOM   247 O "O3'" . DG  B 1 3  ? -12.096 2.151   -6.980  1.00 22.33 ? 3   DG  B "O3'" 1 
ATOM   248 C "C2'" . DG  B 1 3  ? -11.430 -0.055  -6.431  1.00 30.46 ? 3   DG  B "C2'" 1 
ATOM   249 C "C1'" . DG  B 1 3  ? -11.450 0.040   -4.915  1.00 28.72 ? 3   DG  B "C1'" 1 
ATOM   250 N N9    . DG  B 1 3  ? -10.952 -0.939  -4.002  1.00 31.16 ? 3   DG  B N9    1 
ATOM   251 C C8    . DG  B 1 3  ? -10.555 -2.213  -4.386  1.00 33.75 ? 3   DG  B C8    1 
ATOM   252 N N7    . DG  B 1 3  ? -10.137 -2.933  -3.384  1.00 29.14 ? 3   DG  B N7    1 
ATOM   253 C C5    . DG  B 1 3  ? -10.262 -2.104  -2.285  1.00 25.34 ? 3   DG  B C5    1 
ATOM   254 C C6    . DG  B 1 3  ? -9.970  -2.310  -0.923  1.00 37.56 ? 3   DG  B C6    1 
ATOM   255 O O6    . DG  B 1 3  ? -9.513  -3.415  -0.552  1.00 31.11 ? 3   DG  B O6    1 
ATOM   256 N N1    . DG  B 1 3  ? -10.197 -1.284  -0.028  1.00 35.33 ? 3   DG  B N1    1 
ATOM   257 C C2    . DG  B 1 3  ? -10.684 -0.119  -0.450  1.00 26.37 ? 3   DG  B C2    1 
ATOM   258 N N2    . DG  B 1 3  ? -10.899 0.862   0.414   1.00 33.23 ? 3   DG  B N2    1 
ATOM   259 N N3    . DG  B 1 3  ? -10.972 0.104   -1.760  1.00 23.41 ? 3   DG  B N3    1 
ATOM   260 C C4    . DG  B 1 3  ? -10.767 -0.870  -2.670  1.00 27.47 ? 3   DG  B C4    1 
ATOM   261 P P     . DG  B 1 4  ? -12.379 3.167   -8.142  1.00 29.20 ? 4   DG  B P     1 
ATOM   262 O OP1   . DG  B 1 4  ? -13.815 3.108   -8.585  1.00 46.14 ? 4   DG  B OP1   1 
ATOM   263 O OP2   . DG  B 1 4  ? -11.269 3.119   -9.155  1.00 39.92 ? 4   DG  B OP2   1 
ATOM   264 O "O5'" . DG  B 1 4  ? -12.185 4.442   -7.241  1.00 29.54 ? 4   DG  B "O5'" 1 
ATOM   265 C "C5'" . DG  B 1 4  ? -13.006 4.838   -6.150  1.00 31.75 ? 4   DG  B "C5'" 1 
ATOM   266 C "C4'" . DG  B 1 4  ? -12.267 5.470   -4.987  1.00 30.65 ? 4   DG  B "C4'" 1 
ATOM   267 O "O4'" . DG  B 1 4  ? -11.490 4.466   -4.278  1.00 34.93 ? 4   DG  B "O4'" 1 
ATOM   268 C "C3'" . DG  B 1 4  ? -11.286 6.543   -5.408  1.00 33.08 ? 4   DG  B "C3'" 1 
ATOM   269 O "O3'" . DG  B 1 4  ? -11.013 7.558   -4.443  1.00 21.26 ? 4   DG  B "O3'" 1 
ATOM   270 C "C2'" . DG  B 1 4  ? -9.987  5.776   -5.613  1.00 39.17 ? 4   DG  B "C2'" 1 
ATOM   271 C "C1'" . DG  B 1 4  ? -10.079 4.765   -4.465  1.00 37.47 ? 4   DG  B "C1'" 1 
ATOM   272 N N9    . DG  B 1 4  ? -9.428  3.466   -4.569  1.00 35.49 ? 4   DG  B N9    1 
ATOM   273 C C8    . DG  B 1 4  ? -9.224  2.806   -5.773  1.00 40.76 ? 4   DG  B C8    1 
ATOM   274 N N7    . DG  B 1 4  ? -8.619  1.654   -5.612  1.00 35.60 ? 4   DG  B N7    1 
ATOM   275 C C5    . DG  B 1 4  ? -8.420  1.562   -4.245  1.00 34.38 ? 4   DG  B C5    1 
ATOM   276 C C6    . DG  B 1 4  ? -7.823  0.561   -3.456  1.00 25.60 ? 4   DG  B C6    1 
ATOM   277 O O6    . DG  B 1 4  ? -7.362  -0.465  -4.014  1.00 26.68 ? 4   DG  B O6    1 
ATOM   278 N N1    . DG  B 1 4  ? -7.759  0.731   -2.090  1.00 24.12 ? 4   DG  B N1    1 
ATOM   279 C C2    . DG  B 1 4  ? -8.263  1.839   -1.529  1.00 26.89 ? 4   DG  B C2    1 
ATOM   280 N N2    . DG  B 1 4  ? -8.194  1.987   -0.213  1.00 53.68 ? 4   DG  B N2    1 
ATOM   281 N N3    . DG  B 1 4  ? -8.838  2.810   -2.262  1.00 21.06 ? 4   DG  B N3    1 
ATOM   282 C C4    . DG  B 1 4  ? -8.925  2.688   -3.612  1.00 27.52 ? 4   DG  B C4    1 
ATOM   283 P P     . DT  B 1 5  ? -9.990  8.737   -4.664  1.00 36.74 ? 5   DT  B P     1 
ATOM   284 O OP1   . DT  B 1 5  ? -10.515 10.042  -4.142  1.00 22.75 ? 5   DT  B OP1   1 
ATOM   285 O OP2   . DT  B 1 5  ? -9.374  8.625   -6.028  1.00 14.84 ? 5   DT  B OP2   1 
ATOM   286 O "O5'" . DT  B 1 5  ? -8.992  8.157   -3.584  1.00 34.08 ? 5   DT  B "O5'" 1 
ATOM   287 C "C5'" . DT  B 1 5  ? -8.948  8.641   -2.231  1.00 29.96 ? 5   DT  B "C5'" 1 
ATOM   288 C "C4'" . DT  B 1 5  ? -7.915  8.006   -1.353  1.00 29.76 ? 5   DT  B "C4'" 1 
ATOM   289 O "O4'" . DT  B 1 5  ? -7.630  6.640   -1.771  1.00 27.85 ? 5   DT  B "O4'" 1 
ATOM   290 C "C3'" . DT  B 1 5  ? -6.596  8.745   -1.276  1.00 32.79 ? 5   DT  B "C3'" 1 
ATOM   291 O "O3'" . DT  B 1 5  ? -6.093  8.921   0.060   1.00 38.92 ? 5   DT  B "O3'" 1 
ATOM   292 C "C2'" . DT  B 1 5  ? -5.614  7.878   -2.028  1.00 30.33 ? 5   DT  B "C2'" 1 
ATOM   293 C "C1'" . DT  B 1 5  ? -6.200  6.489   -1.780  1.00 30.02 ? 5   DT  B "C1'" 1 
ATOM   294 N N1    . DT  B 1 5  ? -5.829  5.351   -2.633  1.00 23.98 ? 5   DT  B N1    1 
ATOM   295 C C2    . DT  B 1 5  ? -5.630  4.107   -2.065  1.00 24.25 ? 5   DT  B C2    1 
ATOM   296 O O2    . DT  B 1 5  ? -5.759  3.939   -0.848  1.00 49.60 ? 5   DT  B O2    1 
ATOM   297 N N3    . DT  B 1 5  ? -5.283  3.048   -2.871  1.00 31.25 ? 5   DT  B N3    1 
ATOM   298 C C4    . DT  B 1 5  ? -5.133  3.220   -4.242  1.00 38.18 ? 5   DT  B C4    1 
ATOM   299 O O4    . DT  B 1 5  ? -4.820  2.234   -4.927  1.00 51.11 ? 5   DT  B O4    1 
ATOM   300 C C5    . DT  B 1 5  ? -5.348  4.537   -4.815  1.00 34.89 ? 5   DT  B C5    1 
ATOM   301 C C7    . DT  B 1 5  ? -5.193  4.755   -6.304  1.00 42.82 ? 5   DT  B C7    1 
ATOM   302 C C6    . DT  B 1 5  ? -5.685  5.541   -3.995  1.00 30.64 ? 5   DT  B C6    1 
ATOM   303 P P     . DA  B 1 6  ? -5.867  10.323  0.744   1.00 44.42 ? 6   DA  B P     1 
ATOM   304 O OP1   . DA  B 1 6  ? -7.166  10.927  1.196   1.00 45.19 ? 6   DA  B OP1   1 
ATOM   305 O OP2   . DA  B 1 6  ? -4.879  11.128  -0.053  1.00 26.41 ? 6   DA  B OP2   1 
ATOM   306 O "O5'" . DA  B 1 6  ? -5.138  9.678   1.966   1.00 32.20 ? 6   DA  B "O5'" 1 
ATOM   307 C "C5'" . DA  B 1 6  ? -4.716  8.342   2.135   1.00 27.64 ? 6   DA  B "C5'" 1 
ATOM   308 C "C4'" . DA  B 1 6  ? -3.245  8.153   2.444   1.00 30.54 ? 6   DA  B "C4'" 1 
ATOM   309 O "O4'" . DA  B 1 6  ? -2.738  7.036   1.661   1.00 31.97 ? 6   DA  B "O4'" 1 
ATOM   310 C "C3'" . DA  B 1 6  ? -2.348  9.330   2.141   1.00 34.19 ? 6   DA  B "C3'" 1 
ATOM   311 O "O3'" . DA  B 1 6  ? -1.245  9.551   2.993   1.00 50.05 ? 6   DA  B "O3'" 1 
ATOM   312 C "C2'" . DA  B 1 6  ? -1.797  9.037   0.752   1.00 23.23 ? 6   DA  B "C2'" 1 
ATOM   313 C "C1'" . DA  B 1 6  ? -1.719  7.514   0.769   1.00 29.35 ? 6   DA  B "C1'" 1 
ATOM   314 N N9    . DA  B 1 6  ? -1.871  6.722   -0.468  1.00 24.48 ? 6   DA  B N9    1 
ATOM   315 C C8    . DA  B 1 6  ? -2.304  7.244   -1.660  1.00 22.26 ? 6   DA  B C8    1 
ATOM   316 N N7    . DA  B 1 6  ? -2.357  6.341   -2.623  1.00 29.17 ? 6   DA  B N7    1 
ATOM   317 C C5    . DA  B 1 6  ? -1.936  5.174   -2.018  1.00 25.89 ? 6   DA  B C5    1 
ATOM   318 C C6    . DA  B 1 6  ? -1.762  3.852   -2.477  1.00 29.32 ? 6   DA  B C6    1 
ATOM   319 N N6    . DA  B 1 6  ? -2.031  3.528   -3.762  1.00 24.22 ? 6   DA  B N6    1 
ATOM   320 N N1    . DA  B 1 6  ? -1.319  2.890   -1.617  1.00 15.52 ? 6   DA  B N1    1 
ATOM   321 C C2    . DA  B 1 6  ? -1.043  3.176   -0.342  1.00 21.58 ? 6   DA  B C2    1 
ATOM   322 N N3    . DA  B 1 6  ? -1.198  4.443   0.143   1.00 29.28 ? 6   DA  B N3    1 
ATOM   323 C C4    . DA  B 1 6  ? -1.633  5.424   -0.668  1.00 21.48 ? 6   DA  B C4    1 
ATOM   324 P P     . DC  B 1 7  ? -1.149  9.451   4.547   1.00 60.93 ? 7   DC  B P     1 
ATOM   325 O OP1   . DC  B 1 7  ? -2.374  8.821   5.152   1.00 58.71 ? 7   DC  B OP1   1 
ATOM   326 O OP2   . DC  B 1 7  ? -0.580  10.714  5.130   1.00 56.03 ? 7   DC  B OP2   1 
ATOM   327 O "O5'" . DC  B 1 7  ? -0.010  8.378   4.467   1.00 49.88 ? 7   DC  B "O5'" 1 
ATOM   328 C "C5'" . DC  B 1 7  ? 0.358   7.570   3.366   1.00 48.70 ? 7   DC  B "C5'" 1 
ATOM   329 C "C4'" . DC  B 1 7  ? 1.095   6.298   3.713   1.00 41.20 ? 7   DC  B "C4'" 1 
ATOM   330 O "O4'" . DC  B 1 7  ? 1.083   5.381   2.580   1.00 44.97 ? 7   DC  B "O4'" 1 
ATOM   331 C "C3'" . DC  B 1 7  ? 2.559   6.488   4.053   1.00 41.63 ? 7   DC  B "C3'" 1 
ATOM   332 O "O3'" . DC  B 1 7  ? 3.115   5.505   4.928   1.00 40.55 ? 7   DC  B "O3'" 1 
ATOM   333 C "C2'" . DC  B 1 7  ? 3.266   6.368   2.719   1.00 44.04 ? 7   DC  B "C2'" 1 
ATOM   334 C "C1'" . DC  B 1 7  ? 2.367   5.424   1.940   1.00 38.50 ? 7   DC  B "C1'" 1 
ATOM   335 N N1    . DC  B 1 7  ? 2.034   5.704   0.488   1.00 32.14 ? 7   DC  B N1    1 
ATOM   336 C C2    . DC  B 1 7  ? 2.016   4.660   -0.448  1.00 21.43 ? 7   DC  B C2    1 
ATOM   337 O O2    . DC  B 1 7  ? 2.272   3.513   -0.087  1.00 24.71 ? 7   DC  B O2    1 
ATOM   338 N N3    . DC  B 1 7  ? 1.710   4.955   -1.735  1.00 29.37 ? 7   DC  B N3    1 
ATOM   339 C C4    . DC  B 1 7  ? 1.436   6.207   -2.100  1.00 26.94 ? 7   DC  B C4    1 
ATOM   340 N N4    . DC  B 1 7  ? 1.145   6.435   -3.380  1.00 29.77 ? 7   DC  B N4    1 
ATOM   341 C C5    . DC  B 1 7  ? 1.448   7.282   -1.159  1.00 17.18 ? 7   DC  B C5    1 
ATOM   342 C C6    . DC  B 1 7  ? 1.750   6.976   0.112   1.00 22.45 ? 7   DC  B C6    1 
ATOM   343 P P     . DC  B 1 8  ? 4.420   5.701   5.789   1.00 35.31 ? 8   DC  B P     1 
ATOM   344 O OP1   . DC  B 1 8  ? 4.498   4.719   6.921   1.00 48.17 ? 8   DC  B OP1   1 
ATOM   345 O OP2   . DC  B 1 8  ? 4.671   7.164   6.014   1.00 45.98 ? 8   DC  B OP2   1 
ATOM   346 O "O5'" . DC  B 1 8  ? 5.353   5.198   4.621   1.00 35.36 ? 8   DC  B "O5'" 1 
ATOM   347 C "C5'" . DC  B 1 8  ? 5.699   3.845   4.355   1.00 33.69 ? 8   DC  B "C5'" 1 
ATOM   348 C "C4'" . DC  B 1 8  ? 6.871   3.617   3.445   1.00 31.69 ? 8   DC  B "C4'" 1 
ATOM   349 O "O4'" . DC  B 1 8  ? 6.598   4.091   2.101   1.00 30.14 ? 8   DC  B "O4'" 1 
ATOM   350 C "C3'" . DC  B 1 8  ? 8.161   4.308   3.871   1.00 34.06 ? 8   DC  B "C3'" 1 
ATOM   351 O "O3'" . DC  B 1 8  ? 9.341   3.614   3.467   1.00 36.93 ? 8   DC  B "O3'" 1 
ATOM   352 C "C2'" . DC  B 1 8  ? 8.100   5.640   3.143   1.00 33.29 ? 8   DC  B "C2'" 1 
ATOM   353 C "C1'" . DC  B 1 8  ? 7.457   5.218   1.832   1.00 27.34 ? 8   DC  B "C1'" 1 
ATOM   354 N N1    . DC  B 1 8  ? 6.605   6.070   0.960   1.00 21.45 ? 8   DC  B N1    1 
ATOM   355 C C2    . DC  B 1 8  ? 6.346   5.509   -0.303  1.00 22.53 ? 8   DC  B C2    1 
ATOM   356 O O2    . DC  B 1 8  ? 6.832   4.402   -0.570  1.00 25.05 ? 8   DC  B O2    1 
ATOM   357 N N3    . DC  B 1 8  ? 5.580   6.200   -1.172  1.00 32.10 ? 8   DC  B N3    1 
ATOM   358 C C4    . DC  B 1 8  ? 5.079   7.393   -0.832  1.00 29.68 ? 8   DC  B C4    1 
ATOM   359 N N4    . DC  B 1 8  ? 4.330   8.029   -1.732  1.00 28.54 ? 8   DC  B N4    1 
ATOM   360 C C5    . DC  B 1 8  ? 5.331   7.978   0.446   1.00 26.01 ? 8   DC  B C5    1 
ATOM   361 C C6    . DC  B 1 8  ? 6.095   7.278   1.298   1.00 28.32 ? 8   DC  B C6    1 
ATOM   362 P P     . DG  B 1 9  ? 9.977   2.393   4.245   1.00 37.68 ? 9   DG  B P     1 
ATOM   363 O OP1   . DG  B 1 9  ? 8.930   1.388   4.630   1.00 28.16 ? 9   DG  B OP1   1 
ATOM   364 O OP2   . DG  B 1 9  ? 10.986  2.886   5.240   1.00 43.36 ? 9   DG  B OP2   1 
ATOM   365 O "O5'" . DG  B 1 9  ? 10.735  1.842   2.978   1.00 35.68 ? 9   DG  B "O5'" 1 
ATOM   366 C "C5'" . DG  B 1 9  ? 10.643  0.510   2.477   1.00 31.19 ? 9   DG  B "C5'" 1 
ATOM   367 C "C4'" . DG  B 1 9  ? 11.069  0.346   1.036   1.00 31.53 ? 9   DG  B "C4'" 1 
ATOM   368 O "O4'" . DG  B 1 9  ? 10.577  1.487   0.259   1.00 36.74 ? 9   DG  B "O4'" 1 
ATOM   369 C "C3'" . DG  B 1 9  ? 12.584  0.369   0.852   1.00 36.96 ? 9   DG  B "C3'" 1 
ATOM   370 O "O3'" . DG  B 1 9  ? 13.050  -0.207  -0.358  1.00 42.91 ? 9   DG  B "O3'" 1 
ATOM   371 C "C2'" . DG  B 1 9  ? 12.886  1.859   0.811   1.00 35.40 ? 9   DG  B "C2'" 1 
ATOM   372 C "C1'" . DG  B 1 9  ? 11.672  2.385   0.053   1.00 40.02 ? 9   DG  B "C1'" 1 
ATOM   373 N N9    . DG  B 1 9  ? 11.264  3.760   -0.074  1.00 36.47 ? 9   DG  B N9    1 
ATOM   374 C C8    . DG  B 1 9  ? 11.542  4.730   0.876   1.00 37.56 ? 9   DG  B C8    1 
ATOM   375 N N7    . DG  B 1 9  ? 11.072  5.909   0.545   1.00 32.95 ? 9   DG  B N7    1 
ATOM   376 C C5    . DG  B 1 9  ? 10.457  5.705   -0.676  1.00 25.57 ? 9   DG  B C5    1 
ATOM   377 C C6    . DG  B 1 9  ? 9.773   6.577   -1.536  1.00 32.39 ? 9   DG  B C6    1 
ATOM   378 O O6    . DG  B 1 9  ? 9.652   7.791   -1.211  1.00 37.86 ? 9   DG  B O6    1 
ATOM   379 N N1    . DG  B 1 9  ? 9.248   6.100   -2.715  1.00 42.89 ? 9   DG  B N1    1 
ATOM   380 C C2    . DG  B 1 9  ? 9.397   4.799   -3.031  1.00 36.40 ? 9   DG  B C2    1 
ATOM   381 N N2    . DG  B 1 9  ? 8.887   4.353   -4.168  1.00 28.12 ? 9   DG  B N2    1 
ATOM   382 N N3    . DG  B 1 9  ? 10.048  3.946   -2.222  1.00 36.48 ? 9   DG  B N3    1 
ATOM   383 C C4    . DG  B 1 9  ? 10.580  4.370   -1.054  1.00 33.00 ? 9   DG  B C4    1 
ATOM   384 P P     . DA  B 1 10 ? 13.187  -1.714  -0.720  1.00 44.91 ? 10  DA  B P     1 
ATOM   385 O OP1   . DA  B 1 10 ? 11.941  -2.500  -0.445  1.00 43.90 ? 10  DA  B OP1   1 
ATOM   386 O OP2   . DA  B 1 10 ? 14.543  -2.246  -0.366  1.00 50.51 ? 10  DA  B OP2   1 
ATOM   387 O "O5'" . DA  B 1 10 ? 13.186  -1.236  -2.212  1.00 44.16 ? 10  DA  B "O5'" 1 
ATOM   388 C "C5'" . DA  B 1 10 ? 12.349  -1.693  -3.258  1.00 45.00 ? 10  DA  B "C5'" 1 
ATOM   389 C "C4'" . DA  B 1 10 ? 12.580  -1.116  -4.629  1.00 33.09 ? 10  DA  B "C4'" 1 
ATOM   390 O "O4'" . DA  B 1 10 ? 12.287  0.307   -4.641  1.00 35.85 ? 10  DA  B "O4'" 1 
ATOM   391 C "C3'" . DA  B 1 10 ? 13.972  -1.299  -5.189  1.00 23.14 ? 10  DA  B "C3'" 1 
ATOM   392 O "O3'" . DA  B 1 10 ? 14.052  -2.170  -6.318  1.00 34.15 ? 10  DA  B "O3'" 1 
ATOM   393 C "C2'" . DA  B 1 10 ? 14.432  0.065   -5.646  1.00 22.40 ? 10  DA  B "C2'" 1 
ATOM   394 C "C1'" . DA  B 1 10 ? 13.523  1.002   -4.866  1.00 36.76 ? 10  DA  B "C1'" 1 
ATOM   395 N N9    . DA  B 1 10 ? 13.856  1.703   -3.639  1.00 38.08 ? 10  DA  B N9    1 
ATOM   396 C C8    . DA  B 1 10 ? 14.537  1.189   -2.568  1.00 40.14 ? 10  DA  B C8    1 
ATOM   397 N N7    . DA  B 1 10 ? 14.691  2.065   -1.588  1.00 44.06 ? 10  DA  B N7    1 
ATOM   398 C C5    . DA  B 1 10 ? 14.077  3.201   -2.053  1.00 44.06 ? 10  DA  B C5    1 
ATOM   399 C C6    . DA  B 1 10 ? 13.879  4.497   -1.510  1.00 50.40 ? 10  DA  B C6    1 
ATOM   400 N N6    . DA  B 1 10 ? 14.355  4.791   -0.278  1.00 54.42 ? 10  DA  B N6    1 
ATOM   401 N N1    . DA  B 1 10 ? 13.216  5.434   -2.229  1.00 48.26 ? 10  DA  B N1    1 
ATOM   402 C C2    . DA  B 1 10 ? 12.735  5.169   -3.452  1.00 48.27 ? 10  DA  B C2    1 
ATOM   403 N N3    . DA  B 1 10 ? 12.902  3.934   -4.011  1.00 45.03 ? 10  DA  B N3    1 
ATOM   404 C C4    . DA  B 1 10 ? 13.555  2.975   -3.335  1.00 44.47 ? 10  DA  B C4    1 
HETATM 405 O OD2   . A4C C 2 .  ? -2.067  2.442   2.158   1.00 63.80 ? 11  A4C A OD2   1 
HETATM 406 C CD4   . A4C C 2 .  ? -2.994  1.686   1.845   1.00 44.79 ? 11  A4C A CD4   1 
HETATM 407 N ND3   . A4C C 2 .  ? -4.253  2.037   1.651   1.00 39.86 ? 11  A4C A ND3   1 
HETATM 408 C CD5   . A4C C 2 .  ? -4.683  3.442   1.687   1.00 35.21 ? 11  A4C A CD5   1 
HETATM 409 C CD6   . A4C C 2 .  ? -4.150  4.123   2.950   1.00 31.35 ? 11  A4C A CD6   1 
HETATM 410 N ND4   . A4C C 2 .  ? -4.770  3.486   4.124   1.00 27.68 ? 11  A4C A ND4   1 
HETATM 411 C CD0   . A4C C 2 .  ? -6.128  3.050   3.753   1.00 14.26 ? 11  A4C A CD0   1 
HETATM 412 C CD9   . A4C C 2 .  ? -4.854  4.475   5.210   1.00 28.68 ? 11  A4C A CD9   1 
HETATM 413 C C25   . A4C C 2 .  ? -2.653  0.211   1.642   1.00 33.24 ? 11  A4C A C25   1 
HETATM 414 C C26   . A4C C 2 .  ? -2.099  -0.454  2.731   1.00 42.83 ? 11  A4C A C26   1 
HETATM 415 C C15   . A4C C 2 .  ? -1.706  -1.775  2.595   1.00 32.42 ? 11  A4C A C15   1 
HETATM 416 C C27   . A4C C 2 .  ? -2.832  -0.425  0.423   1.00 28.12 ? 11  A4C A C27   1 
HETATM 417 C C16   . A4C C 2 .  ? -2.414  -1.749  0.295   1.00 24.49 ? 11  A4C A C16   1 
HETATM 418 C C17   . A4C C 2 .  ? -1.856  -2.419  1.373   1.00 28.63 ? 11  A4C A C17   1 
HETATM 419 N N12   . A4C C 2 .  ? -3.397  0.217   -0.614  1.00 18.92 ? 11  A4C A N12   1 
HETATM 420 C C18   . A4C C 2 .  ? -3.568  -0.409  -1.786  1.00 25.31 ? 11  A4C A C18   1 
HETATM 421 C C19   . A4C C 2 .  ? -4.178  0.263   -2.841  1.00 28.51 ? 11  A4C A C19   1 
HETATM 422 C C20   . A4C C 2 .  ? -4.373  -0.385  -4.054  1.00 28.31 ? 11  A4C A C20   1 
HETATM 423 C C21   . A4C C 2 .  ? -3.959  -1.697  -4.227  1.00 31.93 ? 11  A4C A C21   1 
HETATM 424 C C22   . A4C C 2 .  ? -3.157  -1.726  -1.965  1.00 30.25 ? 11  A4C A C22   1 
HETATM 425 C C23   . A4C C 2 .  ? -3.344  -2.373  -3.181  1.00 35.37 ? 11  A4C A C23   1 
HETATM 426 C C24   . A4C C 2 .  ? -2.562  -2.414  -0.917  1.00 23.14 ? 11  A4C A C24   1 
HETATM 427 N N11   . A4C C 2 .  ? -2.103  -3.637  -1.063  1.00 29.80 ? 11  A4C A N11   1 
HETATM 428 C CX4   . A4C C 2 .  ? -2.877  -4.875  -1.081  1.00 32.74 ? 11  A4C A CX4   1 
HETATM 429 C CX5   . A4C C 2 .  ? -2.480  -5.672  -2.332  1.00 29.99 ? 11  A4C A CX5   1 
HETATM 430 C CX6   . A4C C 2 .  ? -1.288  -6.597  -2.059  1.00 14.85 ? 11  A4C A CX6   1 
HETATM 431 N N1    . SPM D 3 .  ? 6.574   -6.934  -1.973  1.00 51.73 ? 12  SPM A N1    1 
HETATM 432 C C2    . SPM D 3 .  ? 5.961   -8.247  -2.219  1.00 34.56 ? 12  SPM A C2    1 
HETATM 433 C C3    . SPM D 3 .  ? 5.147   -8.080  -3.509  1.00 28.38 ? 12  SPM A C3    1 
HETATM 434 C C4    . SPM D 3 .  ? 5.873   -9.010  -4.489  1.00 25.15 ? 12  SPM A C4    1 
HETATM 435 N N5    . SPM D 3 .  ? 5.601   -8.455  -5.825  1.00 25.09 ? 12  SPM A N5    1 
HETATM 436 C C6    . SPM D 3 .  ? 6.783   -7.731  -6.316  1.00 33.49 ? 12  SPM A C6    1 
HETATM 437 C C7    . SPM D 3 .  ? 6.818   -7.908  -7.837  1.00 35.25 ? 12  SPM A C7    1 
HETATM 438 C C8    . SPM D 3 .  ? 7.600   -6.678  -8.311  1.00 31.74 ? 12  SPM A C8    1 
HETATM 439 C C9    . SPM D 3 .  ? 6.543   -5.849  -9.037  1.00 36.40 ? 12  SPM A C9    1 
HETATM 440 N N10   . SPM D 3 .  ? 6.370   -6.449  -10.367 1.00 31.83 ? 12  SPM A N10   1 
HETATM 441 C C11   . SPM D 3 .  ? 6.502   -5.396  -11.388 1.00 43.82 ? 12  SPM A C11   1 
HETATM 442 C C12   . SPM D 3 .  ? 5.190   -4.614  -11.365 1.00 48.46 ? 12  SPM A C12   1 
HETATM 443 C C13   . SPM D 3 .  ? 5.511   -3.348  -12.162 1.00 45.63 ? 12  SPM A C13   1 
HETATM 444 N N14   . SPM D 3 .  ? 4.283   -3.020  -12.912 1.00 34.67 ? 12  SPM A N14   1 
HETATM 445 O O     . HOH E 4 .  ? 6.412   0.683   -2.199  1.00 28.71 ? 101 HOH A O     1 
HETATM 446 O O     . HOH E 4 .  ? 6.791   -1.557  -2.553  1.00 54.15 ? 102 HOH A O     1 
HETATM 447 O O     . HOH E 4 .  ? -2.295  5.387   -8.500  1.00 29.19 ? 103 HOH A O     1 
HETATM 448 O O     . HOH E 4 .  ? -6.188  -1.979  15.381  0.50 29.06 ? 107 HOH A O     1 
HETATM 449 O O     . HOH E 4 .  ? 0.814   -2.325  -13.232 1.00 42.31 ? 110 HOH A O     1 
HETATM 450 O O     . HOH E 4 .  ? 5.783   -1.782  12.958  1.00 42.11 ? 111 HOH A O     1 
HETATM 451 O O     . HOH E 4 .  ? 5.097   2.088   -13.640 1.00 58.99 ? 115 HOH A O     1 
HETATM 452 O O     . HOH E 4 .  ? 9.340   4.581   -8.946  1.00 29.35 ? 117 HOH A O     1 
HETATM 453 O O     . HOH E 4 .  ? -3.761  -7.503  15.093  1.00 18.21 ? 118 HOH A O     1 
HETATM 454 O O     . HOH E 4 .  ? 10.038  -17.578 13.537  1.00 14.63 ? 120 HOH A O     1 
HETATM 455 O O     . HOH E 4 .  ? 8.216   -6.110  -3.667  1.00 42.42 ? 124 HOH A O     1 
HETATM 456 O O     . HOH E 4 .  ? 5.607   -2.257  -6.045  1.00 46.04 ? 128 HOH A O     1 
HETATM 457 O O     . HOH E 4 .  ? -0.069  2.656   -9.778  1.00 44.74 ? 131 HOH A O     1 
HETATM 458 O O     . HOH E 4 .  ? 4.385   -9.580  19.229  1.00 39.36 ? 132 HOH A O     1 
HETATM 459 O O     . HOH E 4 .  ? -1.927  -0.537  8.160   1.00 45.65 ? 138 HOH A O     1 
HETATM 460 O O     . HOH E 4 .  ? 2.010   -4.788  14.567  1.00 36.34 ? 139 HOH A O     1 
HETATM 461 O O     . HOH E 4 .  ? -1.512  -5.263  17.897  1.00 29.45 ? 140 HOH A O     1 
HETATM 462 O O     . HOH E 4 .  ? 5.784   1.576   -6.305  1.00 20.91 ? 146 HOH A O     1 
HETATM 463 O O     . HOH E 4 .  ? 0.773   7.429   -10.588 1.00 22.02 ? 147 HOH A O     1 
HETATM 464 O O     . HOH E 4 .  ? -1.402  8.014   -8.510  1.00 21.99 ? 148 HOH A O     1 
HETATM 465 O O     . HOH E 4 .  ? 4.380   -2.810  0.355   1.00 28.75 ? 149 HOH A O     1 
HETATM 466 O O     . HOH E 4 .  ? 1.254   11.730  -8.173  1.00 27.80 ? 150 HOH A O     1 
HETATM 467 O O     . HOH E 4 .  ? 7.179   -12.467 12.527  1.00 28.28 ? 152 HOH A O     1 
HETATM 468 O O     . HOH E 4 .  ? 4.655   -0.043  15.491  1.00 38.12 ? 153 HOH A O     1 
HETATM 469 O O     . HOH E 4 .  ? 1.999   -0.605  -15.044 1.00 56.32 ? 156 HOH A O     1 
HETATM 470 O O     . HOH E 4 .  ? -0.747  -0.064  10.073  1.00 32.85 ? 158 HOH A O     1 
HETATM 471 O O     . HOH E 4 .  ? 10.779  -11.250 11.992  1.00 24.72 ? 159 HOH A O     1 
HETATM 472 O O     . HOH E 4 .  ? 13.329  -14.312 13.998  1.00 47.82 ? 163 HOH A O     1 
HETATM 473 O O     . HOH E 4 .  ? 6.464   1.881   8.123   1.00 31.45 ? 165 HOH A O     1 
HETATM 474 O O     . HOH E 4 .  ? 5.407   -5.268  -0.524  1.00 47.67 ? 167 HOH A O     1 
HETATM 475 O O     . HOH E 4 .  ? 5.575   -4.311  15.356  1.00 35.81 ? 169 HOH A O     1 
HETATM 476 O O     . HOH E 4 .  ? 6.658   -6.412  17.638  1.00 20.97 ? 170 HOH A O     1 
HETATM 477 O O     . HOH E 4 .  ? 12.701  9.787   0.674   1.00 38.22 ? 171 HOH A O     1 
HETATM 478 O O     . HOH E 4 .  ? 13.587  -16.610 11.694  1.00 33.21 ? 174 HOH A O     1 
HETATM 479 O O     . HOH E 4 .  ? 2.279   -15.572 17.350  1.00 28.34 ? 175 HOH A O     1 
HETATM 480 O O     . HOH E 4 .  ? -3.500  -4.041  11.687  1.00 31.54 ? 177 HOH A O     1 
HETATM 481 O O     . HOH E 4 .  ? -5.626  -1.682  12.314  1.00 37.24 ? 178 HOH A O     1 
HETATM 482 O O     . HOH E 4 .  ? 0.889   8.525   -7.564  1.00 42.40 ? 181 HOH A O     1 
HETATM 483 O O     . HOH E 4 .  ? 1.652   2.306   3.858   1.00 48.55 ? 184 HOH A O     1 
HETATM 484 O O     . HOH E 4 .  ? 11.535  -18.797 14.908  1.00 41.59 ? 191 HOH A O     1 
HETATM 485 O O     . HOH E 4 .  ? 3.671   -2.655  7.212   1.00 33.42 ? 195 HOH A O     1 
HETATM 486 O O     . HOH E 4 .  ? 5.092   -10.363 -7.613  1.00 34.43 ? 197 HOH A O     1 
HETATM 487 O O     . HOH E 4 .  ? -4.309  4.888   -9.633  1.00 49.06 ? 200 HOH A O     1 
HETATM 488 O O     . HOH E 4 .  ? 2.286   -2.353  9.572   1.00 41.66 ? 201 HOH A O     1 
HETATM 489 O O     . HOH E 4 .  ? 12.576  -21.665 14.430  1.00 44.21 ? 202 HOH A O     1 
HETATM 490 O O     . HOH E 4 .  ? -3.524  -7.649  17.837  1.00 46.32 ? 204 HOH A O     1 
HETATM 491 O O     . HOH E 4 .  ? 9.324   4.073   -11.642 1.00 31.00 ? 208 HOH A O     1 
HETATM 492 O O     . HOH E 4 .  ? -1.167  -0.671  5.798   1.00 32.91 ? 210 HOH A O     1 
HETATM 493 O O     . HOH E 4 .  ? 4.392   10.258  -11.517 1.00 45.64 ? 220 HOH A O     1 
HETATM 494 O O     . HOH E 4 .  ? -0.507  4.196   -13.585 1.00 32.38 ? 223 HOH A O     1 
HETATM 495 O O     . HOH E 4 .  ? 8.117   14.754  -11.796 1.00 52.04 ? 224 HOH A O     1 
HETATM 496 O O     . HOH E 4 .  ? 7.750   -18.042 13.585  1.00 56.64 ? 226 HOH A O     1 
HETATM 497 O O     . HOH E 4 .  ? -0.008  -4.607  -7.998  1.00 60.51 ? 227 HOH A O     1 
HETATM 498 O O     . HOH E 4 .  ? 9.287   -17.977 15.674  1.00 71.86 ? 229 HOH A O     1 
HETATM 499 O O     . HOH F 4 .  ? -12.802 3.949   -0.755  1.00 39.19 ? 104 HOH B O     1 
HETATM 500 O O     . HOH F 4 .  ? -5.107  13.078  3.643   1.00 44.59 ? 105 HOH B O     1 
HETATM 501 O O     . HOH F 4 .  ? -6.853  14.526  6.156   1.00 38.30 ? 106 HOH B O     1 
HETATM 502 O O     . HOH F 4 .  ? -2.549  -6.215  -7.906  1.00 20.93 ? 108 HOH B O     1 
HETATM 503 O O     . HOH F 4 .  ? -17.930 -5.316  -9.464  1.00 47.29 ? 109 HOH B O     1 
HETATM 504 O O     . HOH F 4 .  ? 17.095  -1.584  1.714   1.00 16.17 ? 112 HOH B O     1 
HETATM 505 O O     . HOH F 4 .  ? 0.496   12.253  3.807   1.00 40.25 ? 113 HOH B O     1 
HETATM 506 O O     . HOH F 4 .  ? -21.228 -2.600  -3.295  1.00 37.96 ? 114 HOH B O     1 
HETATM 507 O O     . HOH F 4 .  ? 10.395  5.142   5.671   1.00 53.76 ? 116 HOH B O     1 
HETATM 508 O O     . HOH F 4 .  ? -15.385 1.235   -8.162  1.00 30.88 ? 119 HOH B O     1 
HETATM 509 O O     . HOH F 4 .  ? 11.545  2.993   -6.149  1.00 23.04 ? 121 HOH B O     1 
HETATM 510 O O     . HOH F 4 .  ? -8.968  8.286   -8.258  1.00 23.00 ? 122 HOH B O     1 
HETATM 511 O O     . HOH F 4 .  ? -5.400  12.670  -1.973  1.00 30.35 ? 123 HOH B O     1 
HETATM 512 O O     . HOH F 4 .  ? -19.962 -9.254  -4.325  1.00 40.15 ? 125 HOH B O     1 
HETATM 513 O O     . HOH F 4 .  ? -12.029 10.911  -6.250  1.00 30.98 ? 126 HOH B O     1 
HETATM 514 O O     . HOH F 4 .  ? 15.308  0.588   1.513   1.00 32.18 ? 127 HOH B O     1 
HETATM 515 O O     . HOH F 4 .  ? -4.994  7.618   -6.131  1.00 28.64 ? 129 HOH B O     1 
HETATM 516 O O     . HOH F 4 .  ? -20.472 -6.412  -8.139  1.00 32.13 ? 130 HOH B O     1 
HETATM 517 O O     . HOH F 4 .  ? -17.452 2.250   -7.411  1.00 25.09 ? 133 HOH B O     1 
HETATM 518 O O     . HOH F 4 .  ? -7.191  9.405   2.965   1.00 24.02 ? 134 HOH B O     1 
HETATM 519 O O     . HOH F 4 .  ? 8.102   1.947   -1.295  1.00 34.90 ? 135 HOH B O     1 
HETATM 520 O O     . HOH F 4 .  ? -20.064 -0.891  -1.297  1.00 36.18 ? 136 HOH B O     1 
HETATM 521 O O     . HOH F 4 .  ? -4.720  -4.544  -5.381  1.00 20.95 ? 137 HOH B O     1 
HETATM 522 O O     . HOH F 4 .  ? 3.216   9.775   7.912   1.00 24.81 ? 141 HOH B O     1 
HETATM 523 O O     . HOH F 4 .  ? 6.879   0.038   2.951   1.00 49.35 ? 142 HOH B O     1 
HETATM 524 O O     . HOH F 4 .  ? -9.594  -0.920  -10.562 1.00 41.66 ? 143 HOH B O     1 
HETATM 525 O O     . HOH F 4 .  ? 10.293  1.477   -3.244  1.00 27.49 ? 144 HOH B O     1 
HETATM 526 O O     . HOH F 4 .  ? 10.982  -1.691  -7.179  1.00 29.28 ? 145 HOH B O     1 
HETATM 527 O O     . HOH F 4 .  ? -15.778 4.998   -5.489  1.00 19.73 ? 151 HOH B O     1 
HETATM 528 O O     . HOH F 4 .  ? 1.890   14.510  4.027   1.00 32.54 ? 154 HOH B O     1 
HETATM 529 O O     . HOH F 4 .  ? 7.649   -0.838  0.970   1.00 60.32 ? 155 HOH B O     1 
HETATM 530 O O     . HOH F 4 .  ? 9.496   1.546   -5.400  1.00 51.55 ? 157 HOH B O     1 
HETATM 531 O O     . HOH F 4 .  ? -0.703  7.822   -5.081  1.00 19.49 ? 160 HOH B O     1 
HETATM 532 O O     . HOH F 4 .  ? -6.324  -1.404  -10.530 1.00 29.95 ? 161 HOH B O     1 
HETATM 533 O O     . HOH F 4 .  ? -22.135 -5.713  -9.994  1.00 38.02 ? 162 HOH B O     1 
HETATM 534 O O     . HOH F 4 .  ? -20.683 -9.485  -1.587  1.00 35.46 ? 164 HOH B O     1 
HETATM 535 O O     . HOH F 4 .  ? -12.232 -8.417  0.102   1.00 26.95 ? 166 HOH B O     1 
HETATM 536 O O     . HOH F 4 .  ? 2.997   13.201  8.159   1.00 19.54 ? 168 HOH B O     1 
HETATM 537 O O     . HOH F 4 .  ? 2.983   10.809  2.079   1.00 33.75 ? 172 HOH B O     1 
HETATM 538 O O     . HOH F 4 .  ? -8.954  4.374   -9.338  1.00 24.42 ? 173 HOH B O     1 
HETATM 539 O O     . HOH F 4 .  ? 9.157   8.626   0.867   1.00 36.33 ? 176 HOH B O     1 
HETATM 540 O O     . HOH F 4 .  ? -18.864 -1.525  -6.753  1.00 36.71 ? 179 HOH B O     1 
HETATM 541 O O     . HOH F 4 .  ? -19.435 0.371   -5.534  1.00 37.04 ? 180 HOH B O     1 
HETATM 542 O O     . HOH F 4 .  ? -2.266  11.463  -4.864  0.50 40.69 ? 182 HOH B O     1 
HETATM 543 O O     . HOH F 4 .  ? -12.479 -3.907  -7.848  1.00 36.84 ? 183 HOH B O     1 
HETATM 544 O O     . HOH F 4 .  ? -7.858  1.555   -10.100 1.00 37.05 ? 185 HOH B O     1 
HETATM 545 O O     . HOH F 4 .  ? 9.635   9.322   3.633   1.00 27.65 ? 186 HOH B O     1 
HETATM 546 O O     . HOH F 4 .  ? 2.333   10.587  -2.487  1.00 25.34 ? 187 HOH B O     1 
HETATM 547 O O     . HOH F 4 .  ? 9.178   -0.668  -6.004  1.00 30.55 ? 188 HOH B O     1 
HETATM 548 O O     . HOH F 4 .  ? -15.830 8.427   -6.436  1.00 37.15 ? 189 HOH B O     1 
HETATM 549 O O     . HOH F 4 .  ? -11.838 8.142   3.409   1.00 47.89 ? 190 HOH B O     1 
HETATM 550 O O     . HOH F 4 .  ? -13.333 -9.619  -1.512  1.00 32.67 ? 192 HOH B O     1 
HETATM 551 O O     . HOH F 4 .  ? 1.079   12.310  7.263   1.00 42.49 ? 193 HOH B O     1 
HETATM 552 O O     . HOH F 4 .  ? -12.847 -8.606  -3.519  1.00 42.82 ? 194 HOH B O     1 
HETATM 553 O O     . HOH F 4 .  ? -13.630 -6.513  -9.943  1.00 36.05 ? 196 HOH B O     1 
HETATM 554 O O     . HOH F 4 .  ? -11.506 5.087   1.727   1.00 41.96 ? 198 HOH B O     1 
HETATM 555 O O     . HOH F 4 .  ? -7.674  17.040  5.106   1.00 47.03 ? 199 HOH B O     1 
HETATM 556 O O     . HOH F 4 .  ? -10.307 -3.459  -8.452  1.00 28.23 ? 203 HOH B O     1 
HETATM 557 O O     . HOH F 4 .  ? -14.465 -0.080  -2.238  1.00 34.70 ? 205 HOH B O     1 
HETATM 558 O O     . HOH F 4 .  ? -8.847  14.981  7.203   1.00 35.80 ? 206 HOH B O     1 
HETATM 559 O O     . HOH F 4 .  ? -10.668 6.739   -1.108  1.00 53.08 ? 207 HOH B O     1 
HETATM 560 O O     . HOH F 4 .  ? -5.292  1.656   -7.098  1.00 39.40 ? 209 HOH B O     1 
HETATM 561 O O     . HOH F 4 .  ? -8.345  -1.537  -6.695  1.00 51.35 ? 211 HOH B O     1 
HETATM 562 O O     . HOH F 4 .  ? 2.829   1.545   0.967   1.00 65.41 ? 212 HOH B O     1 
HETATM 563 O O     . HOH F 4 .  ? 0.928   14.260  9.285   1.00 35.47 ? 213 HOH B O     1 
HETATM 564 O O     . HOH F 4 .  ? -13.784 5.989   2.755   1.00 32.60 ? 214 HOH B O     1 
HETATM 565 O O     . HOH F 4 .  ? -19.560 -2.758  -10.801 1.00 29.84 ? 215 HOH B O     1 
HETATM 566 O O     . HOH F 4 .  ? -20.259 -7.850  -10.233 1.00 50.88 ? 216 HOH B O     1 
HETATM 567 O O     . HOH F 4 .  ? -21.151 -5.057  -12.599 1.00 39.85 ? 217 HOH B O     1 
HETATM 568 O O     . HOH F 4 .  ? 10.585  -2.832  -10.056 1.00 40.79 ? 218 HOH B O     1 
HETATM 569 O O     . HOH F 4 .  ? -18.984 -6.634  -13.556 1.00 45.54 ? 219 HOH B O     1 
HETATM 570 O O     . HOH F 4 .  ? -9.826  -5.624  -10.998 1.00 45.48 ? 221 HOH B O     1 
HETATM 571 O O     . HOH F 4 .  ? -5.669  9.531   -4.285  1.00 48.47 ? 222 HOH B O     1 
HETATM 572 O O     . HOH F 4 .  ? 5.454   0.964   1.402   1.00 43.66 ? 225 HOH B O     1 
HETATM 573 O O     . HOH F 4 .  ? -3.484  -0.278  -8.223  1.00 66.96 ? 228 HOH B O     1 
# 
_database_PDB_caveat.id     1 
_database_PDB_caveat.text   'chirality error at G4,A6 of chain A' 
# 
loop_
_pdbx_poly_seq_scheme.asym_id 
_pdbx_poly_seq_scheme.entity_id 
_pdbx_poly_seq_scheme.seq_id 
_pdbx_poly_seq_scheme.mon_id 
_pdbx_poly_seq_scheme.ndb_seq_num 
_pdbx_poly_seq_scheme.pdb_seq_num 
_pdbx_poly_seq_scheme.auth_seq_num 
_pdbx_poly_seq_scheme.pdb_mon_id 
_pdbx_poly_seq_scheme.auth_mon_id 
_pdbx_poly_seq_scheme.pdb_strand_id 
_pdbx_poly_seq_scheme.pdb_ins_code 
_pdbx_poly_seq_scheme.hetero 
A 1 1  DT 1  1  1  DT T A . n 
A 1 2  DC 2  2  2  DC C A . n 
A 1 3  DG 3  3  3  DG G A . n 
A 1 4  DG 4  4  4  DG G A . n 
A 1 5  DT 5  5  5  DT T A . n 
A 1 6  DA 6  6  6  DA A A . n 
A 1 7  DC 7  7  7  DC C A . n 
A 1 8  DC 8  8  8  DC C A . n 
A 1 9  DG 9  9  9  DG G A . n 
A 1 10 DA 10 10 10 DA A A . n 
B 1 1  DT 1  1  1  DT T B . n 
B 1 2  DC 2  2  2  DC C B . n 
B 1 3  DG 3  3  3  DG G B . n 
B 1 4  DG 4  4  4  DG G B . n 
B 1 5  DT 5  5  5  DT T B . n 
B 1 6  DA 6  6  6  DA A B . n 
B 1 7  DC 7  7  7  DC C B . n 
B 1 8  DC 8  8  8  DC C B . n 
B 1 9  DG 9  9  9  DG G B . n 
B 1 10 DA 10 10 10 DA A B . n 
# 
loop_
_pdbx_nonpoly_scheme.asym_id 
_pdbx_nonpoly_scheme.entity_id 
_pdbx_nonpoly_scheme.mon_id 
_pdbx_nonpoly_scheme.ndb_seq_num 
_pdbx_nonpoly_scheme.pdb_seq_num 
_pdbx_nonpoly_scheme.auth_seq_num 
_pdbx_nonpoly_scheme.pdb_mon_id 
_pdbx_nonpoly_scheme.auth_mon_id 
_pdbx_nonpoly_scheme.pdb_strand_id 
_pdbx_nonpoly_scheme.pdb_ins_code 
C 2 A4C 1  11  1   A4C A4C A . 
D 3 SPM 1  12  2   SPM SPM A . 
E 4 HOH 1  101 101 HOH HOH A . 
E 4 HOH 2  102 102 HOH HOH A . 
E 4 HOH 3  103 103 HOH HOH A . 
E 4 HOH 4  107 107 HOH HOH A . 
E 4 HOH 5  110 110 HOH HOH A . 
E 4 HOH 6  111 111 HOH HOH A . 
E 4 HOH 7  115 115 HOH HOH A . 
E 4 HOH 8  117 117 HOH HOH A . 
E 4 HOH 9  118 118 HOH HOH A . 
E 4 HOH 10 120 120 HOH HOH A . 
E 4 HOH 11 124 124 HOH HOH A . 
E 4 HOH 12 128 128 HOH HOH A . 
E 4 HOH 13 131 131 HOH HOH A . 
E 4 HOH 14 132 132 HOH HOH A . 
E 4 HOH 15 138 138 HOH HOH A . 
E 4 HOH 16 139 139 HOH HOH A . 
E 4 HOH 17 140 140 HOH HOH A . 
E 4 HOH 18 146 146 HOH HOH A . 
E 4 HOH 19 147 147 HOH HOH A . 
E 4 HOH 20 148 148 HOH HOH A . 
E 4 HOH 21 149 149 HOH HOH A . 
E 4 HOH 22 150 150 HOH HOH A . 
E 4 HOH 23 152 152 HOH HOH A . 
E 4 HOH 24 153 153 HOH HOH A . 
E 4 HOH 25 156 156 HOH HOH A . 
E 4 HOH 26 158 158 HOH HOH A . 
E 4 HOH 27 159 159 HOH HOH A . 
E 4 HOH 28 163 163 HOH HOH A . 
E 4 HOH 29 165 165 HOH HOH A . 
E 4 HOH 30 167 167 HOH HOH A . 
E 4 HOH 31 169 169 HOH HOH A . 
E 4 HOH 32 170 170 HOH HOH A . 
E 4 HOH 33 171 171 HOH HOH A . 
E 4 HOH 34 174 174 HOH HOH A . 
E 4 HOH 35 175 175 HOH HOH A . 
E 4 HOH 36 177 177 HOH HOH A . 
E 4 HOH 37 178 178 HOH HOH A . 
E 4 HOH 38 181 181 HOH HOH A . 
E 4 HOH 39 184 184 HOH HOH A . 
E 4 HOH 40 191 191 HOH HOH A . 
E 4 HOH 41 195 195 HOH HOH A . 
E 4 HOH 42 197 197 HOH HOH A . 
E 4 HOH 43 200 200 HOH HOH A . 
E 4 HOH 44 201 201 HOH HOH A . 
E 4 HOH 45 202 202 HOH HOH A . 
E 4 HOH 46 204 204 HOH HOH A . 
E 4 HOH 47 208 208 HOH HOH A . 
E 4 HOH 48 210 210 HOH HOH A . 
E 4 HOH 49 220 220 HOH HOH A . 
E 4 HOH 50 223 223 HOH HOH A . 
E 4 HOH 51 224 224 HOH HOH A . 
E 4 HOH 52 226 226 HOH HOH A . 
E 4 HOH 53 227 227 HOH HOH A . 
E 4 HOH 54 229 229 HOH HOH A . 
F 4 HOH 1  104 104 HOH HOH B . 
F 4 HOH 2  105 105 HOH HOH B . 
F 4 HOH 3  106 106 HOH HOH B . 
F 4 HOH 4  108 108 HOH HOH B . 
F 4 HOH 5  109 109 HOH HOH B . 
F 4 HOH 6  112 112 HOH HOH B . 
F 4 HOH 7  113 113 HOH HOH B . 
F 4 HOH 8  114 114 HOH HOH B . 
F 4 HOH 9  116 116 HOH HOH B . 
F 4 HOH 10 119 119 HOH HOH B . 
F 4 HOH 11 121 121 HOH HOH B . 
F 4 HOH 12 122 122 HOH HOH B . 
F 4 HOH 13 123 123 HOH HOH B . 
F 4 HOH 14 125 125 HOH HOH B . 
F 4 HOH 15 126 126 HOH HOH B . 
F 4 HOH 16 127 127 HOH HOH B . 
F 4 HOH 17 129 129 HOH HOH B . 
F 4 HOH 18 130 130 HOH HOH B . 
F 4 HOH 19 133 133 HOH HOH B . 
F 4 HOH 20 134 134 HOH HOH B . 
F 4 HOH 21 135 135 HOH HOH B . 
F 4 HOH 22 136 136 HOH HOH B . 
F 4 HOH 23 137 137 HOH HOH B . 
F 4 HOH 24 141 141 HOH HOH B . 
F 4 HOH 25 142 142 HOH HOH B . 
F 4 HOH 26 143 143 HOH HOH B . 
F 4 HOH 27 144 144 HOH HOH B . 
F 4 HOH 28 145 145 HOH HOH B . 
F 4 HOH 29 151 151 HOH HOH B . 
F 4 HOH 30 154 154 HOH HOH B . 
F 4 HOH 31 155 155 HOH HOH B . 
F 4 HOH 32 157 157 HOH HOH B . 
F 4 HOH 33 160 160 HOH HOH B . 
F 4 HOH 34 161 161 HOH HOH B . 
F 4 HOH 35 162 162 HOH HOH B . 
F 4 HOH 36 164 164 HOH HOH B . 
F 4 HOH 37 166 166 HOH HOH B . 
F 4 HOH 38 168 168 HOH HOH B . 
F 4 HOH 39 172 172 HOH HOH B . 
F 4 HOH 40 173 173 HOH HOH B . 
F 4 HOH 41 176 176 HOH HOH B . 
F 4 HOH 42 179 179 HOH HOH B . 
F 4 HOH 43 180 180 HOH HOH B . 
F 4 HOH 44 182 182 HOH HOH B . 
F 4 HOH 45 183 183 HOH HOH B . 
F 4 HOH 46 185 185 HOH HOH B . 
F 4 HOH 47 186 186 HOH HOH B . 
F 4 HOH 48 187 187 HOH HOH B . 
F 4 HOH 49 188 188 HOH HOH B . 
F 4 HOH 50 189 189 HOH HOH B . 
F 4 HOH 51 190 190 HOH HOH B . 
F 4 HOH 52 192 192 HOH HOH B . 
F 4 HOH 53 193 193 HOH HOH B . 
F 4 HOH 54 194 194 HOH HOH B . 
F 4 HOH 55 196 196 HOH HOH B . 
F 4 HOH 56 198 198 HOH HOH B . 
F 4 HOH 57 199 199 HOH HOH B . 
F 4 HOH 58 203 203 HOH HOH B . 
F 4 HOH 59 205 205 HOH HOH B . 
F 4 HOH 60 206 206 HOH HOH B . 
F 4 HOH 61 207 207 HOH HOH B . 
F 4 HOH 62 209 209 HOH HOH B . 
F 4 HOH 63 211 211 HOH HOH B . 
F 4 HOH 64 212 212 HOH HOH B . 
F 4 HOH 65 213 213 HOH HOH B . 
F 4 HOH 66 214 214 HOH HOH B . 
F 4 HOH 67 215 215 HOH HOH B . 
F 4 HOH 68 216 216 HOH HOH B . 
F 4 HOH 69 217 217 HOH HOH B . 
F 4 HOH 70 218 218 HOH HOH B . 
F 4 HOH 71 219 219 HOH HOH B . 
F 4 HOH 72 221 221 HOH HOH B . 
F 4 HOH 73 222 222 HOH HOH B . 
F 4 HOH 74 225 225 HOH HOH B . 
F 4 HOH 75 228 228 HOH HOH B . 
# 
_struct_site_keywords.site_id   1 
_struct_site_keywords.text      bis-intercalation 
# 
_pdbx_struct_assembly.id                   1 
_pdbx_struct_assembly.details              author_defined_assembly 
_pdbx_struct_assembly.method_details       ? 
_pdbx_struct_assembly.oligomeric_details   tetrameric 
_pdbx_struct_assembly.oligomeric_count     4 
# 
_pdbx_struct_assembly_gen.assembly_id       1 
_pdbx_struct_assembly_gen.oper_expression   1,2 
_pdbx_struct_assembly_gen.asym_id_list      A,B,C,D,E,F 
# 
loop_
_pdbx_struct_oper_list.id 
_pdbx_struct_oper_list.type 
_pdbx_struct_oper_list.name 
_pdbx_struct_oper_list.symmetry_operation 
_pdbx_struct_oper_list.matrix[1][1] 
_pdbx_struct_oper_list.matrix[1][2] 
_pdbx_struct_oper_list.matrix[1][3] 
_pdbx_struct_oper_list.vector[1] 
_pdbx_struct_oper_list.matrix[2][1] 
_pdbx_struct_oper_list.matrix[2][2] 
_pdbx_struct_oper_list.matrix[2][3] 
_pdbx_struct_oper_list.vector[2] 
_pdbx_struct_oper_list.matrix[3][1] 
_pdbx_struct_oper_list.matrix[3][2] 
_pdbx_struct_oper_list.matrix[3][3] 
_pdbx_struct_oper_list.vector[3] 
1 'identity operation'         1_555 x,y,z   1.0000000000  0.0000000000  0.0000000000  0.0000000000  0.0000000000  1.0000000000  0.0000000000 0.0000000000   0.0000000000  0.0000000000 1.0000000000 0.0000000000 
2 'crystal symmetry operation' 2_555 -x,y,-z -0.8799705036 -0.1387916946 -0.4543003173 -4.9195307867 -0.1387916946 -0.8395133273 0.5253134672 -12.5787849536 -0.4543003173 0.5253134672 0.7194838309 2.5431240825 
# 
loop_
_pdbx_struct_special_symmetry.id 
_pdbx_struct_special_symmetry.PDB_model_num 
_pdbx_struct_special_symmetry.auth_asym_id 
_pdbx_struct_special_symmetry.auth_comp_id 
_pdbx_struct_special_symmetry.auth_seq_id 
_pdbx_struct_special_symmetry.PDB_ins_code 
_pdbx_struct_special_symmetry.label_asym_id 
_pdbx_struct_special_symmetry.label_comp_id 
_pdbx_struct_special_symmetry.label_seq_id 
1 1 A HOH 107 ? E HOH . 
2 1 B HOH 182 ? F HOH . 
# 
loop_
_pdbx_audit_revision_history.ordinal 
_pdbx_audit_revision_history.data_content_type 
_pdbx_audit_revision_history.major_revision 
_pdbx_audit_revision_history.minor_revision 
_pdbx_audit_revision_history.revision_date 
1 'Structure model' 1 0 2006-06-06 
2 'Structure model' 1 1 2008-05-01 
3 'Structure model' 1 2 2011-07-13 
4 'Structure model' 1 3 2017-10-18 
5 'Structure model' 1 4 2023-08-30 
# 
_pdbx_audit_revision_details.ordinal             1 
_pdbx_audit_revision_details.revision_ordinal    1 
_pdbx_audit_revision_details.data_content_type   'Structure model' 
_pdbx_audit_revision_details.provider            repository 
_pdbx_audit_revision_details.type                'Initial release' 
_pdbx_audit_revision_details.description         ? 
_pdbx_audit_revision_details.details             ? 
# 
loop_
_pdbx_audit_revision_group.ordinal 
_pdbx_audit_revision_group.revision_ordinal 
_pdbx_audit_revision_group.data_content_type 
_pdbx_audit_revision_group.group 
1 2 'Structure model' 'Version format compliance' 
2 3 'Structure model' 'Version format compliance' 
3 4 'Structure model' Advisory                    
4 4 'Structure model' 'Refinement description'    
5 5 'Structure model' 'Data collection'           
6 5 'Structure model' 'Database references'       
7 5 'Structure model' 'Derived calculations'      
8 5 'Structure model' 'Refinement description'    
# 
loop_
_pdbx_audit_revision_category.ordinal 
_pdbx_audit_revision_category.revision_ordinal 
_pdbx_audit_revision_category.data_content_type 
_pdbx_audit_revision_category.category 
1 4 'Structure model' pdbx_unobs_or_zero_occ_atoms  
2 4 'Structure model' software                      
3 5 'Structure model' chem_comp_atom                
4 5 'Structure model' chem_comp_bond                
5 5 'Structure model' database_2                    
6 5 'Structure model' diffrn_source                 
7 5 'Structure model' pdbx_initial_refinement_model 
8 5 'Structure model' struct_conn                   
9 5 'Structure model' struct_site                   
# 
loop_
_pdbx_audit_revision_item.ordinal 
_pdbx_audit_revision_item.revision_ordinal 
_pdbx_audit_revision_item.data_content_type 
_pdbx_audit_revision_item.item 
1 4 'Structure model' '_software.classification'             
2 4 'Structure model' '_software.name'                       
3 5 'Structure model' '_database_2.pdbx_DOI'                 
4 5 'Structure model' '_database_2.pdbx_database_accession'  
5 5 'Structure model' '_diffrn_source.pdbx_synchrotron_site' 
6 5 'Structure model' '_struct_conn.pdbx_leaving_atom_flag'  
7 5 'Structure model' '_struct_site.pdbx_auth_asym_id'       
8 5 'Structure model' '_struct_site.pdbx_auth_comp_id'       
9 5 'Structure model' '_struct_site.pdbx_auth_seq_id'        
# 
loop_
_software.name 
_software.classification 
_software.version 
_software.citation_id 
_software.pdbx_ordinal 
SHELX     'model building'  . ? 1 
SHELXL-97 refinement        . ? 2 
MAR345    'data collection' . ? 3 
MOSFLM    'data reduction'  . ? 4 
# 
_pdbx_database_remark.id     600 
_pdbx_database_remark.text   
;HETEROGEN  
 
HETEROGEN A4C 1 REPRESENTS ONE HALF OF THE LIGAND,  
THE OTHER HALF IS GENERATED BY THE SYMMETRY OPERATION  
USED TO GENERATE THE BIOLOGICAL UNIT. THE MOLECULE AS  
A WHOLE LIES ON A CRYSTALLOGRAPHIC AXIS OF TWO-FOLD  
ROTATIONAL SYMMETRY. HENCE, IN THE ASYMMETRIC UNIT,  
ONLY HALF THE LIGAND IS PRESENT IN THE COORDINATE  
FILE SUBMITTED. LINKS ARE PROVIDED BETWEEN SYMMETRY  
RELATED CX6 ATOMS. 
;
# 
_pdbx_validate_rmsd_bond.id                        1 
_pdbx_validate_rmsd_bond.PDB_model_num             1 
_pdbx_validate_rmsd_bond.auth_atom_id_1            N9 
_pdbx_validate_rmsd_bond.auth_asym_id_1            B 
_pdbx_validate_rmsd_bond.auth_comp_id_1            DA 
_pdbx_validate_rmsd_bond.auth_seq_id_1             6 
_pdbx_validate_rmsd_bond.PDB_ins_code_1            ? 
_pdbx_validate_rmsd_bond.label_alt_id_1            ? 
_pdbx_validate_rmsd_bond.auth_atom_id_2            C4 
_pdbx_validate_rmsd_bond.auth_asym_id_2            B 
_pdbx_validate_rmsd_bond.auth_comp_id_2            DA 
_pdbx_validate_rmsd_bond.auth_seq_id_2             6 
_pdbx_validate_rmsd_bond.PDB_ins_code_2            ? 
_pdbx_validate_rmsd_bond.label_alt_id_2            ? 
_pdbx_validate_rmsd_bond.bond_value                1.335 
_pdbx_validate_rmsd_bond.bond_target_value         1.374 
_pdbx_validate_rmsd_bond.bond_deviation            -0.039 
_pdbx_validate_rmsd_bond.bond_standard_deviation   0.006 
_pdbx_validate_rmsd_bond.linker_flag               N 
# 
loop_
_pdbx_validate_rmsd_angle.id 
_pdbx_validate_rmsd_angle.PDB_model_num 
_pdbx_validate_rmsd_angle.auth_atom_id_1 
_pdbx_validate_rmsd_angle.auth_asym_id_1 
_pdbx_validate_rmsd_angle.auth_comp_id_1 
_pdbx_validate_rmsd_angle.auth_seq_id_1 
_pdbx_validate_rmsd_angle.PDB_ins_code_1 
_pdbx_validate_rmsd_angle.label_alt_id_1 
_pdbx_validate_rmsd_angle.auth_atom_id_2 
_pdbx_validate_rmsd_angle.auth_asym_id_2 
_pdbx_validate_rmsd_angle.auth_comp_id_2 
_pdbx_validate_rmsd_angle.auth_seq_id_2 
_pdbx_validate_rmsd_angle.PDB_ins_code_2 
_pdbx_validate_rmsd_angle.label_alt_id_2 
_pdbx_validate_rmsd_angle.auth_atom_id_3 
_pdbx_validate_rmsd_angle.auth_asym_id_3 
_pdbx_validate_rmsd_angle.auth_comp_id_3 
_pdbx_validate_rmsd_angle.auth_seq_id_3 
_pdbx_validate_rmsd_angle.PDB_ins_code_3 
_pdbx_validate_rmsd_angle.label_alt_id_3 
_pdbx_validate_rmsd_angle.angle_value 
_pdbx_validate_rmsd_angle.angle_target_value 
_pdbx_validate_rmsd_angle.angle_deviation 
_pdbx_validate_rmsd_angle.angle_standard_deviation 
_pdbx_validate_rmsd_angle.linker_flag 
1   1 N1    A DT 1  ? ? C2    A DT 1  ? ? N3    A DT 1  ? ? 119.05 114.60 4.45   0.60 N 
2   1 C2    A DT 1  ? ? N3    A DT 1  ? ? C4    A DT 1  ? ? 120.87 127.20 -6.33  0.60 N 
3   1 N3    A DT 1  ? ? C4    A DT 1  ? ? C5    A DT 1  ? ? 119.10 115.20 3.90   0.60 N 
4   1 N9    A DG 3  ? ? "C1'" A DG 3  ? ? "C2'" A DG 3  ? ? 127.57 114.30 13.27  1.40 N 
5   1 C6    A DG 3  ? ? N1    A DG 3  ? ? C2    A DG 3  ? ? 119.79 125.10 -5.31  0.60 N 
6   1 C2    A DG 3  ? ? N3    A DG 3  ? ? C4    A DG 3  ? ? 120.81 111.90 8.91   0.50 N 
7   1 N3    A DG 3  ? ? C4    A DG 3  ? ? C5    A DG 3  ? ? 120.13 128.60 -8.47  0.50 N 
8   1 C5    A DG 3  ? ? C6    A DG 3  ? ? N1    A DG 3  ? ? 119.63 111.50 8.13   0.50 N 
9   1 N3    A DG 3  ? ? C4    A DG 3  ? ? N9    A DG 3  ? ? 133.47 126.00 7.47   0.60 N 
10  1 C5    A DG 3  ? ? C6    A DG 3  ? ? O6    A DG 3  ? ? 119.10 128.60 -9.50  0.60 N 
11  1 "C3'" A DG 3  ? ? "O3'" A DG 3  ? ? P     A DG 4  ? ? 128.04 119.70 8.34   1.20 Y 
12  1 "O3'" A DG 3  ? ? P     A DG 4  ? ? "O5'" A DG 4  ? ? 85.23  104.00 -18.77 1.90 Y 
13  1 N9    A DG 4  ? ? "C1'" A DG 4  ? ? "C2'" A DG 4  ? ? 133.75 114.30 19.45  1.40 N 
14  1 "O4'" A DG 4  ? ? "C1'" A DG 4  ? ? N9    A DG 4  ? ? 101.83 108.00 -6.17  0.70 N 
15  1 C6    A DG 4  ? ? N1    A DG 4  ? ? C2    A DG 4  ? ? 120.07 125.10 -5.03  0.60 N 
16  1 C2    A DG 4  ? ? N3    A DG 4  ? ? C4    A DG 4  ? ? 120.28 111.90 8.38   0.50 N 
17  1 N3    A DG 4  ? ? C4    A DG 4  ? ? C5    A DG 4  ? ? 120.48 128.60 -8.12  0.50 N 
18  1 C5    A DG 4  ? ? C6    A DG 4  ? ? N1    A DG 4  ? ? 119.20 111.50 7.70   0.50 N 
19  1 N3    A DG 4  ? ? C4    A DG 4  ? ? N9    A DG 4  ? ? 133.07 126.00 7.07   0.60 N 
20  1 C5    A DG 4  ? ? C6    A DG 4  ? ? O6    A DG 4  ? ? 119.37 128.60 -9.23  0.60 N 
21  1 "C3'" A DG 4  ? ? "O3'" A DG 4  ? ? P     A DT 5  ? ? 127.09 119.70 7.39   1.20 Y 
22  1 "O3'" A DG 4  ? ? P     A DT 5  ? ? "O5'" A DT 5  ? ? 91.40  104.00 -12.60 1.90 Y 
23  1 N1    A DT 5  ? ? "C1'" A DT 5  ? ? "C2'" A DT 5  ? ? 125.25 114.30 10.95  1.40 N 
24  1 N1    A DT 5  ? ? C2    A DT 5  ? ? N3    A DT 5  ? ? 119.29 114.60 4.69   0.60 N 
25  1 C2    A DT 5  ? ? N3    A DT 5  ? ? C4    A DT 5  ? ? 120.72 127.20 -6.48  0.60 N 
26  1 N3    A DT 5  ? ? C4    A DT 5  ? ? C5    A DT 5  ? ? 118.99 115.20 3.79   0.60 N 
27  1 "O3'" A DT 5  ? ? P     A DA 6  ? ? "O5'" A DA 6  ? ? 91.96  104.00 -12.04 1.90 Y 
28  1 N9    A DA 6  ? ? "C1'" A DA 6  ? ? "C2'" A DA 6  ? ? 124.86 114.30 10.56  1.40 N 
29  1 "O4'" A DA 6  ? ? "C1'" A DA 6  ? ? N9    A DA 6  ? ? 111.15 108.30 2.85   0.30 N 
30  1 N1    A DA 6  ? ? C2    A DA 6  ? ? N3    A DA 6  ? ? 120.73 129.30 -8.57  0.50 N 
31  1 C2    A DA 6  ? ? N3    A DA 6  ? ? C4    A DA 6  ? ? 119.89 110.60 9.29   0.50 N 
32  1 N3    A DA 6  ? ? C4    A DA 6  ? ? C5    A DA 6  ? ? 121.62 126.80 -5.18  0.70 N 
33  1 "C3'" A DA 6  ? ? "O3'" A DA 6  ? ? P     A DC 7  ? ? 129.99 119.70 10.29  1.20 Y 
34  1 "O3'" A DA 6  ? ? P     A DC 7  ? ? "O5'" A DC 7  ? ? 91.59  104.00 -12.41 1.90 Y 
35  1 "O4'" A DC 7  ? ? "C1'" A DC 7  ? ? N1    A DC 7  ? ? 103.23 108.00 -4.77  0.70 N 
36  1 "C3'" A DC 7  ? ? "O3'" A DC 7  ? ? P     A DC 8  ? ? 127.60 119.70 7.90   1.20 Y 
37  1 "O3'" A DC 7  ? ? P     A DC 8  ? ? "O5'" A DC 8  ? ? 87.50  104.00 -16.50 1.90 Y 
38  1 "O4'" A DC 8  ? ? "C1'" A DC 8  ? ? N1    A DC 8  ? ? 110.71 108.30 2.41   0.30 N 
39  1 "O3'" A DC 8  ? ? P     A DG 9  ? ? "O5'" A DG 9  ? ? 86.15  104.00 -17.85 1.90 Y 
40  1 N9    A DG 9  ? ? "C1'" A DG 9  ? ? "C2'" A DG 9  ? ? 127.65 114.30 13.35  1.40 N 
41  1 "O4'" A DG 9  ? ? "C1'" A DG 9  ? ? N9    A DG 9  ? ? 110.17 108.30 1.87   0.30 N 
42  1 C6    A DG 9  ? ? N1    A DG 9  ? ? C2    A DG 9  ? ? 120.05 125.10 -5.05  0.60 N 
43  1 C2    A DG 9  ? ? N3    A DG 9  ? ? C4    A DG 9  ? ? 120.14 111.90 8.24   0.50 N 
44  1 N3    A DG 9  ? ? C4    A DG 9  ? ? C5    A DG 9  ? ? 120.53 128.60 -8.07  0.50 N 
45  1 C5    A DG 9  ? ? C6    A DG 9  ? ? N1    A DG 9  ? ? 119.10 111.50 7.60   0.50 N 
46  1 N3    A DG 9  ? ? C4    A DG 9  ? ? N9    A DG 9  ? ? 132.84 126.00 6.84   0.60 N 
47  1 C5    A DG 9  ? ? C6    A DG 9  ? ? O6    A DG 9  ? ? 119.26 128.60 -9.34  0.60 N 
48  1 N9    A DA 10 ? ? "C1'" A DA 10 ? ? "C2'" A DA 10 ? ? 128.72 114.30 14.42  1.40 N 
49  1 "O4'" A DA 10 ? ? "C1'" A DA 10 ? ? N9    A DA 10 ? ? 110.12 108.30 1.82   0.30 N 
50  1 N1    A DA 10 ? ? C2    A DA 10 ? ? N3    A DA 10 ? ? 120.87 129.30 -8.43  0.50 N 
51  1 C2    A DA 10 ? ? N3    A DA 10 ? ? C4    A DA 10 ? ? 119.93 110.60 9.33   0.50 N 
52  1 N3    A DA 10 ? ? C4    A DA 10 ? ? C5    A DA 10 ? ? 121.45 126.80 -5.35  0.70 N 
53  1 N1    B DT 1  ? ? "C1'" B DT 1  ? ? "C2'" B DT 1  ? ? 127.73 114.30 13.43  1.40 N 
54  1 "O4'" B DT 1  ? ? "C1'" B DT 1  ? ? N1    B DT 1  ? ? 115.88 108.30 7.58   0.30 N 
55  1 N1    B DT 1  ? ? C2    B DT 1  ? ? N3    B DT 1  ? ? 119.21 114.60 4.61   0.60 N 
56  1 C2    B DT 1  ? ? N3    B DT 1  ? ? C4    B DT 1  ? ? 121.09 127.20 -6.11  0.60 N 
57  1 N3    B DT 1  ? ? C4    B DT 1  ? ? C5    B DT 1  ? ? 118.88 115.20 3.68   0.60 N 
58  1 N1    B DC 2  ? ? "C1'" B DC 2  ? ? "C2'" B DC 2  ? ? 125.25 114.30 10.95  1.40 N 
59  1 "O3'" B DC 2  ? ? P     B DG 3  ? ? "O5'" B DG 3  ? ? 91.68  104.00 -12.32 1.90 Y 
60  1 N9    B DG 3  ? ? "C1'" B DG 3  ? ? "C2'" B DG 3  ? ? 126.22 114.30 11.92  1.40 N 
61  1 C6    B DG 3  ? ? N1    B DG 3  ? ? C2    B DG 3  ? ? 120.34 125.10 -4.76  0.60 N 
62  1 C2    B DG 3  ? ? N3    B DG 3  ? ? C4    B DG 3  ? ? 120.00 111.90 8.10   0.50 N 
63  1 N3    B DG 3  ? ? C4    B DG 3  ? ? C5    B DG 3  ? ? 120.64 128.60 -7.96  0.50 N 
64  1 C5    B DG 3  ? ? C6    B DG 3  ? ? N1    B DG 3  ? ? 118.93 111.50 7.43   0.50 N 
65  1 N3    B DG 3  ? ? C4    B DG 3  ? ? N9    B DG 3  ? ? 133.15 126.00 7.15   0.60 N 
66  1 C5    B DG 3  ? ? C6    B DG 3  ? ? O6    B DG 3  ? ? 119.52 128.60 -9.08  0.60 N 
67  1 "C3'" B DG 3  ? ? "O3'" B DG 3  ? ? P     B DG 4  ? ? 128.24 119.70 8.54   1.20 Y 
68  1 C6    B DG 4  ? ? N1    B DG 4  ? ? C2    B DG 4  ? ? 120.00 125.10 -5.10  0.60 N 
69  1 C2    B DG 4  ? ? N3    B DG 4  ? ? C4    B DG 4  ? ? 120.25 111.90 8.35   0.50 N 
70  1 N3    B DG 4  ? ? C4    B DG 4  ? ? C5    B DG 4  ? ? 120.23 128.60 -8.37  0.50 N 
71  1 C5    B DG 4  ? ? C6    B DG 4  ? ? N1    B DG 4  ? ? 119.13 111.50 7.63   0.50 N 
72  1 N3    B DG 4  ? ? C4    B DG 4  ? ? N9    B DG 4  ? ? 133.28 126.00 7.28   0.60 N 
73  1 C5    B DG 4  ? ? C6    B DG 4  ? ? O6    B DG 4  ? ? 119.23 128.60 -9.37  0.60 N 
74  1 "O3'" B DG 4  ? ? P     B DT 5  ? ? "O5'" B DT 5  ? ? 92.28  104.00 -11.72 1.90 Y 
75  1 N1    B DT 5  ? ? C2    B DT 5  ? ? N3    B DT 5  ? ? 119.29 114.60 4.69   0.60 N 
76  1 C2    B DT 5  ? ? N3    B DT 5  ? ? C4    B DT 5  ? ? 120.65 127.20 -6.55  0.60 N 
77  1 N3    B DT 5  ? ? C4    B DT 5  ? ? C5    B DT 5  ? ? 119.06 115.20 3.86   0.60 N 
78  1 "O3'" B DT 5  ? ? P     B DA 6  ? ? "O5'" B DA 6  ? ? 92.20  104.00 -11.80 1.90 Y 
79  1 N1    B DA 6  ? ? C2    B DA 6  ? ? N3    B DA 6  ? ? 121.00 129.30 -8.30  0.50 N 
80  1 C2    B DA 6  ? ? N3    B DA 6  ? ? C4    B DA 6  ? ? 119.91 110.60 9.31   0.50 N 
81  1 N3    B DA 6  ? ? C4    B DA 6  ? ? C5    B DA 6  ? ? 121.28 126.80 -5.52  0.70 N 
82  1 N3    B DA 6  ? ? C4    B DA 6  ? ? N9    B DA 6  ? ? 132.51 127.40 5.11   0.80 N 
83  1 "C3'" B DA 6  ? ? "O3'" B DA 6  ? ? P     B DC 7  ? ? 129.73 119.70 10.03  1.20 Y 
84  1 "O3'" B DA 6  ? ? P     B DC 7  ? ? "O5'" B DC 7  ? ? 92.17  104.00 -11.83 1.90 Y 
85  1 "O4'" B DC 7  ? ? "C1'" B DC 7  ? ? N1    B DC 7  ? ? 103.66 108.00 -4.34  0.70 N 
86  1 "O3'" B DC 7  ? ? P     B DC 8  ? ? "O5'" B DC 8  ? ? 92.60  104.00 -11.40 1.90 Y 
87  1 N1    B DC 8  ? ? "C1'" B DC 8  ? ? "C2'" B DC 8  ? ? 126.08 114.30 11.78  1.40 N 
88  1 "O4'" B DC 8  ? ? "C1'" B DC 8  ? ? N1    B DC 8  ? ? 102.47 108.00 -5.53  0.70 N 
89  1 N9    B DG 9  ? ? "C1'" B DG 9  ? ? "C2'" B DG 9  ? ? 126.81 114.30 12.51  1.40 N 
90  1 "O4'" B DG 9  ? ? "C1'" B DG 9  ? ? N9    B DG 9  ? ? 113.27 108.30 4.97   0.30 N 
91  1 C6    B DG 9  ? ? N1    B DG 9  ? ? C2    B DG 9  ? ? 119.59 125.10 -5.51  0.60 N 
92  1 C2    B DG 9  ? ? N3    B DG 9  ? ? C4    B DG 9  ? ? 120.79 111.90 8.89   0.50 N 
93  1 N3    B DG 9  ? ? C4    B DG 9  ? ? C5    B DG 9  ? ? 120.00 128.60 -8.60  0.50 N 
94  1 C5    B DG 9  ? ? C6    B DG 9  ? ? N1    B DG 9  ? ? 119.73 111.50 8.23   0.50 N 
95  1 N3    B DG 9  ? ? C4    B DG 9  ? ? N9    B DG 9  ? ? 133.59 126.00 7.59   0.60 N 
96  1 C5    B DG 9  ? ? C6    B DG 9  ? ? O6    B DG 9  ? ? 119.10 128.60 -9.50  0.60 N 
97  1 "C3'" B DG 9  ? ? "O3'" B DG 9  ? ? P     B DA 10 ? ? 128.37 119.70 8.67   1.20 Y 
98  1 "O3'" B DG 9  ? ? P     B DA 10 ? ? "O5'" B DA 10 ? ? 85.76  104.00 -18.24 1.90 Y 
99  1 N9    B DA 10 ? ? "C1'" B DA 10 ? ? "C2'" B DA 10 ? ? 126.44 114.30 12.14  1.40 N 
100 1 N1    B DA 10 ? ? C2    B DA 10 ? ? N3    B DA 10 ? ? 120.55 129.30 -8.75  0.50 N 
101 1 C2    B DA 10 ? ? N3    B DA 10 ? ? C4    B DA 10 ? ? 119.97 110.60 9.37   0.50 N 
102 1 N3    B DA 10 ? ? C4    B DA 10 ? ? C5    B DA 10 ? ? 121.74 126.80 -5.06  0.70 N 
103 1 N3    B DA 10 ? ? C4    B DA 10 ? ? N9    B DA 10 ? ? 132.23 127.40 4.83   0.80 N 
# 
loop_
_pdbx_validate_chiral.id 
_pdbx_validate_chiral.PDB_model_num 
_pdbx_validate_chiral.auth_atom_id 
_pdbx_validate_chiral.label_alt_id 
_pdbx_validate_chiral.auth_asym_id 
_pdbx_validate_chiral.auth_comp_id 
_pdbx_validate_chiral.auth_seq_id 
_pdbx_validate_chiral.PDB_ins_code 
_pdbx_validate_chiral.details 
_pdbx_validate_chiral.omega 
1 1 "C4'" ? A DG 4 ? 'WRONG HAND' . 
2 1 "C1'" ? A DA 6 ? 'WRONG HAND' . 
# 
loop_
_chem_comp_atom.comp_id 
_chem_comp_atom.atom_id 
_chem_comp_atom.type_symbol 
_chem_comp_atom.pdbx_aromatic_flag 
_chem_comp_atom.pdbx_stereo_config 
_chem_comp_atom.pdbx_ordinal 
A4C OD1    O N N 1   
A4C CD1    C N N 2   
A4C ND1    N N N 3   
A4C CD2    C N N 4   
A4C CD3    C N N 5   
A4C ND2    N N N 6   
A4C CD8    C N N 7   
A4C CD7    C N N 8   
A4C C4     C Y N 9   
A4C C3     C Y N 10  
A4C C2     C Y N 11  
A4C C12    C Y N 12  
A4C C11    C Y N 13  
A4C C1     C Y N 14  
A4C N10    N Y N 15  
A4C C14    C Y N 16  
A4C C5     C Y N 17  
A4C C6     C Y N 18  
A4C C7     C Y N 19  
A4C C13    C Y N 20  
A4C C8     C Y N 21  
A4C C9     C Y N 22  
A4C N9     N N N 23  
A4C CX1    C N N 24  
A4C CX2    C N N 25  
A4C CX3    C N N 26  
A4C OD2    O N N 27  
A4C CD4    C N N 28  
A4C ND3    N N N 29  
A4C CD5    C N N 30  
A4C CD6    C N N 31  
A4C ND4    N N N 32  
A4C CD0    C N N 33  
A4C CD9    C N N 34  
A4C C25    C Y N 35  
A4C C26    C Y N 36  
A4C C15    C Y N 37  
A4C C27    C Y N 38  
A4C C16    C Y N 39  
A4C C17    C Y N 40  
A4C N12    N Y N 41  
A4C C18    C Y N 42  
A4C C19    C Y N 43  
A4C C20    C Y N 44  
A4C C21    C Y N 45  
A4C C22    C Y N 46  
A4C C23    C Y N 47  
A4C C24    C Y N 48  
A4C N11    N N N 49  
A4C CX4    C N N 50  
A4C CX5    C N N 51  
A4C CX6    C N N 52  
A4C HND1   H N N 53  
A4C HD21   H N N 54  
A4C HD22   H N N 55  
A4C HD31   H N N 56  
A4C HD32   H N N 57  
A4C HD81   H N N 58  
A4C HD82   H N N 59  
A4C HD83   H N N 60  
A4C HD71   H N N 61  
A4C HD72   H N N 62  
A4C HD73   H N N 63  
A4C H3     H N N 64  
A4C H2     H N N 65  
A4C H1     H N N 66  
A4C H5     H N N 67  
A4C H6     H N N 68  
A4C H7     H N N 69  
A4C H8     H N N 70  
A4C HN9    H N N 71  
A4C HX11   H N N 72  
A4C HX12   H N N 73  
A4C HX21   H N N 74  
A4C HX22   H N N 75  
A4C HX31   H N N 76  
A4C HX32   H N N 77  
A4C HND3   H N N 78  
A4C HD51   H N N 79  
A4C HD52   H N N 80  
A4C HD61   H N N 81  
A4C HD62   H N N 82  
A4C HD01   H N N 83  
A4C HD02   H N N 84  
A4C HD03   H N N 85  
A4C HD91   H N N 86  
A4C HD92   H N N 87  
A4C HD93   H N N 88  
A4C H26    H N N 89  
A4C H15    H N N 90  
A4C H17    H N N 91  
A4C H19    H N N 92  
A4C H20    H N N 93  
A4C H21    H N N 94  
A4C H23    H N N 95  
A4C HN11   H N N 96  
A4C HX41   H N N 97  
A4C HX42   H N N 98  
A4C HX51   H N N 99  
A4C HX52   H N N 100 
A4C HX61   H N N 101 
A4C HX62   H N N 102 
DA  OP3    O N N 103 
DA  P      P N N 104 
DA  OP1    O N N 105 
DA  OP2    O N N 106 
DA  "O5'"  O N N 107 
DA  "C5'"  C N N 108 
DA  "C4'"  C N R 109 
DA  "O4'"  O N N 110 
DA  "C3'"  C N S 111 
DA  "O3'"  O N N 112 
DA  "C2'"  C N N 113 
DA  "C1'"  C N R 114 
DA  N9     N Y N 115 
DA  C8     C Y N 116 
DA  N7     N Y N 117 
DA  C5     C Y N 118 
DA  C6     C Y N 119 
DA  N6     N N N 120 
DA  N1     N Y N 121 
DA  C2     C Y N 122 
DA  N3     N Y N 123 
DA  C4     C Y N 124 
DA  HOP3   H N N 125 
DA  HOP2   H N N 126 
DA  "H5'"  H N N 127 
DA  "H5''" H N N 128 
DA  "H4'"  H N N 129 
DA  "H3'"  H N N 130 
DA  "HO3'" H N N 131 
DA  "H2'"  H N N 132 
DA  "H2''" H N N 133 
DA  "H1'"  H N N 134 
DA  H8     H N N 135 
DA  H61    H N N 136 
DA  H62    H N N 137 
DA  H2     H N N 138 
DC  OP3    O N N 139 
DC  P      P N N 140 
DC  OP1    O N N 141 
DC  OP2    O N N 142 
DC  "O5'"  O N N 143 
DC  "C5'"  C N N 144 
DC  "C4'"  C N R 145 
DC  "O4'"  O N N 146 
DC  "C3'"  C N S 147 
DC  "O3'"  O N N 148 
DC  "C2'"  C N N 149 
DC  "C1'"  C N R 150 
DC  N1     N N N 151 
DC  C2     C N N 152 
DC  O2     O N N 153 
DC  N3     N N N 154 
DC  C4     C N N 155 
DC  N4     N N N 156 
DC  C5     C N N 157 
DC  C6     C N N 158 
DC  HOP3   H N N 159 
DC  HOP2   H N N 160 
DC  "H5'"  H N N 161 
DC  "H5''" H N N 162 
DC  "H4'"  H N N 163 
DC  "H3'"  H N N 164 
DC  "HO3'" H N N 165 
DC  "H2'"  H N N 166 
DC  "H2''" H N N 167 
DC  "H1'"  H N N 168 
DC  H41    H N N 169 
DC  H42    H N N 170 
DC  H5     H N N 171 
DC  H6     H N N 172 
DG  OP3    O N N 173 
DG  P      P N N 174 
DG  OP1    O N N 175 
DG  OP2    O N N 176 
DG  "O5'"  O N N 177 
DG  "C5'"  C N N 178 
DG  "C4'"  C N R 179 
DG  "O4'"  O N N 180 
DG  "C3'"  C N S 181 
DG  "O3'"  O N N 182 
DG  "C2'"  C N N 183 
DG  "C1'"  C N R 184 
DG  N9     N Y N 185 
DG  C8     C Y N 186 
DG  N7     N Y N 187 
DG  C5     C Y N 188 
DG  C6     C N N 189 
DG  O6     O N N 190 
DG  N1     N N N 191 
DG  C2     C N N 192 
DG  N2     N N N 193 
DG  N3     N N N 194 
DG  C4     C Y N 195 
DG  HOP3   H N N 196 
DG  HOP2   H N N 197 
DG  "H5'"  H N N 198 
DG  "H5''" H N N 199 
DG  "H4'"  H N N 200 
DG  "H3'"  H N N 201 
DG  "HO3'" H N N 202 
DG  "H2'"  H N N 203 
DG  "H2''" H N N 204 
DG  "H1'"  H N N 205 
DG  H8     H N N 206 
DG  H1     H N N 207 
DG  H21    H N N 208 
DG  H22    H N N 209 
DT  OP3    O N N 210 
DT  P      P N N 211 
DT  OP1    O N N 212 
DT  OP2    O N N 213 
DT  "O5'"  O N N 214 
DT  "C5'"  C N N 215 
DT  "C4'"  C N R 216 
DT  "O4'"  O N N 217 
DT  "C3'"  C N S 218 
DT  "O3'"  O N N 219 
DT  "C2'"  C N N 220 
DT  "C1'"  C N R 221 
DT  N1     N N N 222 
DT  C2     C N N 223 
DT  O2     O N N 224 
DT  N3     N N N 225 
DT  C4     C N N 226 
DT  O4     O N N 227 
DT  C5     C N N 228 
DT  C7     C N N 229 
DT  C6     C N N 230 
DT  HOP3   H N N 231 
DT  HOP2   H N N 232 
DT  "H5'"  H N N 233 
DT  "H5''" H N N 234 
DT  "H4'"  H N N 235 
DT  "H3'"  H N N 236 
DT  "HO3'" H N N 237 
DT  "H2'"  H N N 238 
DT  "H2''" H N N 239 
DT  "H1'"  H N N 240 
DT  H3     H N N 241 
DT  H71    H N N 242 
DT  H72    H N N 243 
DT  H73    H N N 244 
DT  H6     H N N 245 
HOH O      O N N 246 
HOH H1     H N N 247 
HOH H2     H N N 248 
SPM N1     N N N 249 
SPM C2     C N N 250 
SPM C3     C N N 251 
SPM C4     C N N 252 
SPM N5     N N N 253 
SPM C6     C N N 254 
SPM C7     C N N 255 
SPM C8     C N N 256 
SPM C9     C N N 257 
SPM N10    N N N 258 
SPM C11    C N N 259 
SPM C12    C N N 260 
SPM C13    C N N 261 
SPM N14    N N N 262 
SPM HN11   H N N 263 
SPM HN12   H N N 264 
SPM H21    H N N 265 
SPM H22    H N N 266 
SPM H31    H N N 267 
SPM H32    H N N 268 
SPM H41    H N N 269 
SPM H42    H N N 270 
SPM HN5    H N N 271 
SPM H61    H N N 272 
SPM H62    H N N 273 
SPM H71    H N N 274 
SPM H72    H N N 275 
SPM H81    H N N 276 
SPM H82    H N N 277 
SPM H91    H N N 278 
SPM H92    H N N 279 
SPM HN0    H N N 280 
SPM H111   H N N 281 
SPM H112   H N N 282 
SPM H121   H N N 283 
SPM H122   H N N 284 
SPM H131   H N N 285 
SPM H132   H N N 286 
SPM HN41   H N N 287 
SPM HN42   H N N 288 
# 
loop_
_chem_comp_bond.comp_id 
_chem_comp_bond.atom_id_1 
_chem_comp_bond.atom_id_2 
_chem_comp_bond.value_order 
_chem_comp_bond.pdbx_aromatic_flag 
_chem_comp_bond.pdbx_stereo_config 
_chem_comp_bond.pdbx_ordinal 
A4C OD1   CD1    doub N N 1   
A4C CD1   ND1    sing N N 2   
A4C CD1   C4     sing N N 3   
A4C ND1   CD2    sing N N 4   
A4C ND1   HND1   sing N N 5   
A4C CD2   CD3    sing N N 6   
A4C CD2   HD21   sing N N 7   
A4C CD2   HD22   sing N N 8   
A4C CD3   ND2    sing N N 9   
A4C CD3   HD31   sing N N 10  
A4C CD3   HD32   sing N N 11  
A4C ND2   CD8    sing N N 12  
A4C ND2   CD7    sing N N 13  
A4C CD8   HD81   sing N N 14  
A4C CD8   HD82   sing N N 15  
A4C CD8   HD83   sing N N 16  
A4C CD7   HD71   sing N N 17  
A4C CD7   HD72   sing N N 18  
A4C CD7   HD73   sing N N 19  
A4C C4    C3     doub Y N 20  
A4C C4    C12    sing Y N 21  
A4C C3    C2     sing Y N 22  
A4C C3    H3     sing N N 23  
A4C C2    C1     doub Y N 24  
A4C C2    H2     sing N N 25  
A4C C12   C11    sing Y N 26  
A4C C12   N10    doub Y N 27  
A4C C11   C1     sing Y N 28  
A4C C11   C9     doub Y N 29  
A4C C1    H1     sing N N 30  
A4C N10   C14    sing Y N 31  
A4C C14   C5     doub Y N 32  
A4C C14   C13    sing Y N 33  
A4C C5    C6     sing Y N 34  
A4C C5    H5     sing N N 35  
A4C C6    C7     doub Y N 36  
A4C C6    H6     sing N N 37  
A4C C7    C8     sing Y N 38  
A4C C7    H7     sing N N 39  
A4C C13   C8     doub Y N 40  
A4C C13   C9     sing Y N 41  
A4C C8    H8     sing N N 42  
A4C C9    N9     sing N N 43  
A4C N9    CX1    sing N N 44  
A4C N9    HN9    sing N N 45  
A4C CX1   CX2    sing N N 46  
A4C CX1   HX11   sing N N 47  
A4C CX1   HX12   sing N N 48  
A4C CX2   CX3    sing N N 49  
A4C CX2   HX21   sing N N 50  
A4C CX2   HX22   sing N N 51  
A4C CX3   CX6    sing N N 52  
A4C CX3   HX31   sing N N 53  
A4C CX3   HX32   sing N N 54  
A4C OD2   CD4    doub N N 55  
A4C CD4   ND3    sing N N 56  
A4C CD4   C25    sing N N 57  
A4C ND3   CD5    sing N N 58  
A4C ND3   HND3   sing N N 59  
A4C CD5   CD6    sing N N 60  
A4C CD5   HD51   sing N N 61  
A4C CD5   HD52   sing N N 62  
A4C CD6   ND4    sing N N 63  
A4C CD6   HD61   sing N N 64  
A4C CD6   HD62   sing N N 65  
A4C ND4   CD0    sing N N 66  
A4C ND4   CD9    sing N N 67  
A4C CD0   HD01   sing N N 68  
A4C CD0   HD02   sing N N 69  
A4C CD0   HD03   sing N N 70  
A4C CD9   HD91   sing N N 71  
A4C CD9   HD92   sing N N 72  
A4C CD9   HD93   sing N N 73  
A4C C25   C26    sing Y N 74  
A4C C25   C27    doub Y N 75  
A4C C26   C15    doub Y N 76  
A4C C26   H26    sing N N 77  
A4C C15   C17    sing Y N 78  
A4C C15   H15    sing N N 79  
A4C C27   C16    sing Y N 80  
A4C C27   N12    sing Y N 81  
A4C C16   C17    doub Y N 82  
A4C C16   C24    sing Y N 83  
A4C C17   H17    sing N N 84  
A4C N12   C18    doub Y N 85  
A4C C18   C19    sing Y N 86  
A4C C18   C22    sing Y N 87  
A4C C19   C20    doub Y N 88  
A4C C19   H19    sing N N 89  
A4C C20   C21    sing Y N 90  
A4C C20   H20    sing N N 91  
A4C C21   C23    doub Y N 92  
A4C C21   H21    sing N N 93  
A4C C22   C23    sing Y N 94  
A4C C22   C24    doub Y N 95  
A4C C23   H23    sing N N 96  
A4C C24   N11    sing N N 97  
A4C N11   CX4    sing N N 98  
A4C N11   HN11   sing N N 99  
A4C CX4   CX5    sing N N 100 
A4C CX4   HX41   sing N N 101 
A4C CX4   HX42   sing N N 102 
A4C CX5   CX6    sing N N 103 
A4C CX5   HX51   sing N N 104 
A4C CX5   HX52   sing N N 105 
A4C CX6   HX61   sing N N 106 
A4C CX6   HX62   sing N N 107 
DA  OP3   P      sing N N 108 
DA  OP3   HOP3   sing N N 109 
DA  P     OP1    doub N N 110 
DA  P     OP2    sing N N 111 
DA  P     "O5'"  sing N N 112 
DA  OP2   HOP2   sing N N 113 
DA  "O5'" "C5'"  sing N N 114 
DA  "C5'" "C4'"  sing N N 115 
DA  "C5'" "H5'"  sing N N 116 
DA  "C5'" "H5''" sing N N 117 
DA  "C4'" "O4'"  sing N N 118 
DA  "C4'" "C3'"  sing N N 119 
DA  "C4'" "H4'"  sing N N 120 
DA  "O4'" "C1'"  sing N N 121 
DA  "C3'" "O3'"  sing N N 122 
DA  "C3'" "C2'"  sing N N 123 
DA  "C3'" "H3'"  sing N N 124 
DA  "O3'" "HO3'" sing N N 125 
DA  "C2'" "C1'"  sing N N 126 
DA  "C2'" "H2'"  sing N N 127 
DA  "C2'" "H2''" sing N N 128 
DA  "C1'" N9     sing N N 129 
DA  "C1'" "H1'"  sing N N 130 
DA  N9    C8     sing Y N 131 
DA  N9    C4     sing Y N 132 
DA  C8    N7     doub Y N 133 
DA  C8    H8     sing N N 134 
DA  N7    C5     sing Y N 135 
DA  C5    C6     sing Y N 136 
DA  C5    C4     doub Y N 137 
DA  C6    N6     sing N N 138 
DA  C6    N1     doub Y N 139 
DA  N6    H61    sing N N 140 
DA  N6    H62    sing N N 141 
DA  N1    C2     sing Y N 142 
DA  C2    N3     doub Y N 143 
DA  C2    H2     sing N N 144 
DA  N3    C4     sing Y N 145 
DC  OP3   P      sing N N 146 
DC  OP3   HOP3   sing N N 147 
DC  P     OP1    doub N N 148 
DC  P     OP2    sing N N 149 
DC  P     "O5'"  sing N N 150 
DC  OP2   HOP2   sing N N 151 
DC  "O5'" "C5'"  sing N N 152 
DC  "C5'" "C4'"  sing N N 153 
DC  "C5'" "H5'"  sing N N 154 
DC  "C5'" "H5''" sing N N 155 
DC  "C4'" "O4'"  sing N N 156 
DC  "C4'" "C3'"  sing N N 157 
DC  "C4'" "H4'"  sing N N 158 
DC  "O4'" "C1'"  sing N N 159 
DC  "C3'" "O3'"  sing N N 160 
DC  "C3'" "C2'"  sing N N 161 
DC  "C3'" "H3'"  sing N N 162 
DC  "O3'" "HO3'" sing N N 163 
DC  "C2'" "C1'"  sing N N 164 
DC  "C2'" "H2'"  sing N N 165 
DC  "C2'" "H2''" sing N N 166 
DC  "C1'" N1     sing N N 167 
DC  "C1'" "H1'"  sing N N 168 
DC  N1    C2     sing N N 169 
DC  N1    C6     sing N N 170 
DC  C2    O2     doub N N 171 
DC  C2    N3     sing N N 172 
DC  N3    C4     doub N N 173 
DC  C4    N4     sing N N 174 
DC  C4    C5     sing N N 175 
DC  N4    H41    sing N N 176 
DC  N4    H42    sing N N 177 
DC  C5    C6     doub N N 178 
DC  C5    H5     sing N N 179 
DC  C6    H6     sing N N 180 
DG  OP3   P      sing N N 181 
DG  OP3   HOP3   sing N N 182 
DG  P     OP1    doub N N 183 
DG  P     OP2    sing N N 184 
DG  P     "O5'"  sing N N 185 
DG  OP2   HOP2   sing N N 186 
DG  "O5'" "C5'"  sing N N 187 
DG  "C5'" "C4'"  sing N N 188 
DG  "C5'" "H5'"  sing N N 189 
DG  "C5'" "H5''" sing N N 190 
DG  "C4'" "O4'"  sing N N 191 
DG  "C4'" "C3'"  sing N N 192 
DG  "C4'" "H4'"  sing N N 193 
DG  "O4'" "C1'"  sing N N 194 
DG  "C3'" "O3'"  sing N N 195 
DG  "C3'" "C2'"  sing N N 196 
DG  "C3'" "H3'"  sing N N 197 
DG  "O3'" "HO3'" sing N N 198 
DG  "C2'" "C1'"  sing N N 199 
DG  "C2'" "H2'"  sing N N 200 
DG  "C2'" "H2''" sing N N 201 
DG  "C1'" N9     sing N N 202 
DG  "C1'" "H1'"  sing N N 203 
DG  N9    C8     sing Y N 204 
DG  N9    C4     sing Y N 205 
DG  C8    N7     doub Y N 206 
DG  C8    H8     sing N N 207 
DG  N7    C5     sing Y N 208 
DG  C5    C6     sing N N 209 
DG  C5    C4     doub Y N 210 
DG  C6    O6     doub N N 211 
DG  C6    N1     sing N N 212 
DG  N1    C2     sing N N 213 
DG  N1    H1     sing N N 214 
DG  C2    N2     sing N N 215 
DG  C2    N3     doub N N 216 
DG  N2    H21    sing N N 217 
DG  N2    H22    sing N N 218 
DG  N3    C4     sing N N 219 
DT  OP3   P      sing N N 220 
DT  OP3   HOP3   sing N N 221 
DT  P     OP1    doub N N 222 
DT  P     OP2    sing N N 223 
DT  P     "O5'"  sing N N 224 
DT  OP2   HOP2   sing N N 225 
DT  "O5'" "C5'"  sing N N 226 
DT  "C5'" "C4'"  sing N N 227 
DT  "C5'" "H5'"  sing N N 228 
DT  "C5'" "H5''" sing N N 229 
DT  "C4'" "O4'"  sing N N 230 
DT  "C4'" "C3'"  sing N N 231 
DT  "C4'" "H4'"  sing N N 232 
DT  "O4'" "C1'"  sing N N 233 
DT  "C3'" "O3'"  sing N N 234 
DT  "C3'" "C2'"  sing N N 235 
DT  "C3'" "H3'"  sing N N 236 
DT  "O3'" "HO3'" sing N N 237 
DT  "C2'" "C1'"  sing N N 238 
DT  "C2'" "H2'"  sing N N 239 
DT  "C2'" "H2''" sing N N 240 
DT  "C1'" N1     sing N N 241 
DT  "C1'" "H1'"  sing N N 242 
DT  N1    C2     sing N N 243 
DT  N1    C6     sing N N 244 
DT  C2    O2     doub N N 245 
DT  C2    N3     sing N N 246 
DT  N3    C4     sing N N 247 
DT  N3    H3     sing N N 248 
DT  C4    O4     doub N N 249 
DT  C4    C5     sing N N 250 
DT  C5    C7     sing N N 251 
DT  C5    C6     doub N N 252 
DT  C7    H71    sing N N 253 
DT  C7    H72    sing N N 254 
DT  C7    H73    sing N N 255 
DT  C6    H6     sing N N 256 
HOH O     H1     sing N N 257 
HOH O     H2     sing N N 258 
SPM N1    C2     sing N N 259 
SPM N1    HN11   sing N N 260 
SPM N1    HN12   sing N N 261 
SPM C2    C3     sing N N 262 
SPM C2    H21    sing N N 263 
SPM C2    H22    sing N N 264 
SPM C3    C4     sing N N 265 
SPM C3    H31    sing N N 266 
SPM C3    H32    sing N N 267 
SPM C4    N5     sing N N 268 
SPM C4    H41    sing N N 269 
SPM C4    H42    sing N N 270 
SPM N5    C6     sing N N 271 
SPM N5    HN5    sing N N 272 
SPM C6    C7     sing N N 273 
SPM C6    H61    sing N N 274 
SPM C6    H62    sing N N 275 
SPM C7    C8     sing N N 276 
SPM C7    H71    sing N N 277 
SPM C7    H72    sing N N 278 
SPM C8    C9     sing N N 279 
SPM C8    H81    sing N N 280 
SPM C8    H82    sing N N 281 
SPM C9    N10    sing N N 282 
SPM C9    H91    sing N N 283 
SPM C9    H92    sing N N 284 
SPM N10   C11    sing N N 285 
SPM N10   HN0    sing N N 286 
SPM C11   C12    sing N N 287 
SPM C11   H111   sing N N 288 
SPM C11   H112   sing N N 289 
SPM C12   C13    sing N N 290 
SPM C12   H121   sing N N 291 
SPM C12   H122   sing N N 292 
SPM C13   N14    sing N N 293 
SPM C13   H131   sing N N 294 
SPM C13   H132   sing N N 295 
SPM N14   HN41   sing N N 296 
SPM N14   HN42   sing N N 297 
# 
loop_
_ndb_struct_conf_na.entry_id 
_ndb_struct_conf_na.feature 
2GWA 'double helix'        
2GWA 'b-form double helix' 
# 
loop_
_ndb_struct_na_base_pair.model_number 
_ndb_struct_na_base_pair.i_label_asym_id 
_ndb_struct_na_base_pair.i_label_comp_id 
_ndb_struct_na_base_pair.i_label_seq_id 
_ndb_struct_na_base_pair.i_symmetry 
_ndb_struct_na_base_pair.j_label_asym_id 
_ndb_struct_na_base_pair.j_label_comp_id 
_ndb_struct_na_base_pair.j_label_seq_id 
_ndb_struct_na_base_pair.j_symmetry 
_ndb_struct_na_base_pair.shear 
_ndb_struct_na_base_pair.stretch 
_ndb_struct_na_base_pair.stagger 
_ndb_struct_na_base_pair.buckle 
_ndb_struct_na_base_pair.propeller 
_ndb_struct_na_base_pair.opening 
_ndb_struct_na_base_pair.pair_number 
_ndb_struct_na_base_pair.pair_name 
_ndb_struct_na_base_pair.i_auth_asym_id 
_ndb_struct_na_base_pair.i_auth_seq_id 
_ndb_struct_na_base_pair.i_PDB_ins_code 
_ndb_struct_na_base_pair.j_auth_asym_id 
_ndb_struct_na_base_pair.j_auth_seq_id 
_ndb_struct_na_base_pair.j_PDB_ins_code 
_ndb_struct_na_base_pair.hbond_type_28 
_ndb_struct_na_base_pair.hbond_type_12 
1 A DT 1 1_555 B DA 10 1_555 -1.190 0.481  -0.072 3.150  -19.000 27.092 1 A_DT1:DA10_B A 1 ? B 10 ? ?  ? 
1 A DC 2 1_555 B DG 9  1_555 0.416  -0.359 -0.103 10.513 -18.077 -6.236 2 A_DC2:DG9_B  A 2 ? B 9  ? 19 1 
1 A DG 3 1_555 B DC 8  1_555 0.685  -0.105 0.038  -0.542 1.194   -6.038 3 A_DG3:DC8_B  A 3 ? B 8  ? 19 1 
1 A DG 4 1_555 B DC 7  1_555 -1.052 -0.779 -0.259 -1.855 -14.521 -8.048 4 A_DG4:DC7_B  A 4 ? B 7  ? 19 1 
1 A DT 5 1_555 B DA 6  1_555 0.448  -0.419 -0.125 -9.558 -3.549  -8.863 5 A_DT5:DA6_B  A 5 ? B 6  ? 20 1 
# 
loop_
_ndb_struct_na_base_pair_step.model_number 
_ndb_struct_na_base_pair_step.i_label_asym_id_1 
_ndb_struct_na_base_pair_step.i_label_comp_id_1 
_ndb_struct_na_base_pair_step.i_label_seq_id_1 
_ndb_struct_na_base_pair_step.i_symmetry_1 
_ndb_struct_na_base_pair_step.j_label_asym_id_1 
_ndb_struct_na_base_pair_step.j_label_comp_id_1 
_ndb_struct_na_base_pair_step.j_label_seq_id_1 
_ndb_struct_na_base_pair_step.j_symmetry_1 
_ndb_struct_na_base_pair_step.i_label_asym_id_2 
_ndb_struct_na_base_pair_step.i_label_comp_id_2 
_ndb_struct_na_base_pair_step.i_label_seq_id_2 
_ndb_struct_na_base_pair_step.i_symmetry_2 
_ndb_struct_na_base_pair_step.j_label_asym_id_2 
_ndb_struct_na_base_pair_step.j_label_comp_id_2 
_ndb_struct_na_base_pair_step.j_label_seq_id_2 
_ndb_struct_na_base_pair_step.j_symmetry_2 
_ndb_struct_na_base_pair_step.shift 
_ndb_struct_na_base_pair_step.slide 
_ndb_struct_na_base_pair_step.rise 
_ndb_struct_na_base_pair_step.tilt 
_ndb_struct_na_base_pair_step.roll 
_ndb_struct_na_base_pair_step.twist 
_ndb_struct_na_base_pair_step.x_displacement 
_ndb_struct_na_base_pair_step.y_displacement 
_ndb_struct_na_base_pair_step.helical_rise 
_ndb_struct_na_base_pair_step.inclination 
_ndb_struct_na_base_pair_step.tip 
_ndb_struct_na_base_pair_step.helical_twist 
_ndb_struct_na_base_pair_step.step_number 
_ndb_struct_na_base_pair_step.step_name 
_ndb_struct_na_base_pair_step.i_auth_asym_id_1 
_ndb_struct_na_base_pair_step.i_auth_seq_id_1 
_ndb_struct_na_base_pair_step.i_PDB_ins_code_1 
_ndb_struct_na_base_pair_step.j_auth_asym_id_1 
_ndb_struct_na_base_pair_step.j_auth_seq_id_1 
_ndb_struct_na_base_pair_step.j_PDB_ins_code_1 
_ndb_struct_na_base_pair_step.i_auth_asym_id_2 
_ndb_struct_na_base_pair_step.i_auth_seq_id_2 
_ndb_struct_na_base_pair_step.i_PDB_ins_code_2 
_ndb_struct_na_base_pair_step.j_auth_asym_id_2 
_ndb_struct_na_base_pair_step.j_auth_seq_id_2 
_ndb_struct_na_base_pair_step.j_PDB_ins_code_2 
1 A DT 1 1_555 B DA 10 1_555 A DC 2 1_555 B DG 9 1_555 -0.475 2.952 2.988 8.571  9.037  49.657 2.809  1.133  3.323 10.570 -10.025 
51.099 1 AA_DT1DC2:DG9DA10_BB A 1 ? B 10 ? A 2 ? B 9 ? 
1 A DC 2 1_555 B DG 9  1_555 A DG 3 1_555 B DC 8 1_555 0.341  2.782 3.764 -3.828 -3.940 48.231 3.724  -0.744 3.505 -4.803 4.667   
48.524 2 AA_DC2DG3:DC8DG9_BB  A 2 ? B 9  ? A 3 ? B 8 ? 
1 A DG 3 1_555 B DC 8  1_555 A DG 4 1_555 B DC 7 1_555 -0.982 1.337 3.401 -2.567 13.088 25.461 -0.710 1.314  3.711 27.426 5.378   
28.692 3 AA_DG3DG4:DC7DC8_BB  A 3 ? B 8  ? A 4 ? B 7 ? 
1 A DG 4 1_555 B DC 7  1_555 A DT 5 1_555 B DA 6 1_555 0.243  0.037 3.488 -1.121 -1.625 42.556 0.225  -0.454 3.477 -2.238 1.544   
42.599 4 AA_DG4DT5:DA6DC7_BB  A 4 ? B 7  ? A 5 ? B 6 ? 
# 
loop_
_pdbx_entity_nonpoly.entity_id 
_pdbx_entity_nonpoly.name 
_pdbx_entity_nonpoly.comp_id 
2 "9,9'-(HEXANE-1,6-DIYLDIIMINO)BIS{N-[2-(DIMETHYLAMINO)ETHYL]ACRIDINE-4-CARBOXAMIDE}" A4C 
3 SPERMINE                                                                             SPM 
4 water                                                                                HOH 
# 
_pdbx_initial_refinement_model.id               1 
_pdbx_initial_refinement_model.entity_id_list   ? 
_pdbx_initial_refinement_model.type             'experimental model' 
_pdbx_initial_refinement_model.source_name      PDB 
_pdbx_initial_refinement_model.accession_code   1NQS 
_pdbx_initial_refinement_model.details          'PDB ENTRY 1NQS' 
# 
